data_6J73
#
_entry.id   6J73
#
_cell.length_a   91.760
_cell.length_b   91.760
_cell.length_c   137.346
_cell.angle_alpha   90.000
_cell.angle_beta   90.000
_cell.angle_gamma   120.000
#
_symmetry.space_group_name_H-M   'P 31'
#
_entity_poly.entity_id   1
_entity_poly.type   'polypeptide(L)'
_entity_poly.pdbx_seq_one_letter_code
;MGVIVELIDHTSAIAAAKDRADLVERLRAAKARISDPQIRVVIAGQLKQGKSQLLNSLLNIPVARVGDDESTVLATVVSY
GEQASARLVVARPDGAEPELIEIPPSEVTTDLRRAPQASGRQVLRVEVTAPSPLLKGGLAFVDTPGVGGHGQPHLSATLG
LLPDADAMLMISDTSQEFTEPEMKFIRQALEICPVAAIVATKTDLYPHWRQIVDANIAHLQRAGLNVPVIPASSVLRSHA
ISLNDKELNEESNFPAIVKFLSEHVLSRQNDRIRDQIVDEIRSAAEHLLLAVESELSSFNDPGERERLTAELERRKQEAQ
DALQQTALWQQVLSDGIADLTADVDHDLRHRFRIIAAHTEKVIDGCDPTLHWAEIGAELEDAVATAVGDNFVWAYQRAEA
LAAEVARTFTEAGLDAVQMPQIDARDMGAGFGELNSLARLEAKPIKIGHKVVTGMRGSYGGVLMFGMLTSFAGLGMFNPL
SLGAGFVLGRKAYKEDMENRMLRVRNEAKANVRKFVDDVAFVVGKESRDRLKGIQRQLRDHYREIANQTTRSLNESLQAA
IAAAKVEEAERNTRVKELERQQNILKQVVDHAAKLAAALEHHHHHH
;
_entity_poly.pdbx_strand_id   A,B
#
# COMPACT_ATOMS: atom_id res chain seq x y z
N GLY A 2 -3.25 -33.34 -26.97
CA GLY A 2 -2.02 -33.14 -27.72
C GLY A 2 -0.88 -33.73 -26.96
N VAL A 3 0.25 -33.06 -26.94
CA VAL A 3 1.40 -33.54 -26.20
C VAL A 3 1.11 -33.56 -24.72
N ILE A 4 0.46 -32.53 -24.22
CA ILE A 4 0.15 -32.45 -22.82
C ILE A 4 -0.77 -33.59 -22.42
N VAL A 5 -1.75 -33.92 -23.24
CA VAL A 5 -2.64 -35.01 -22.88
C VAL A 5 -1.90 -36.32 -22.78
N GLU A 6 -0.97 -36.55 -23.70
CA GLU A 6 -0.20 -37.75 -23.63
C GLU A 6 0.63 -37.73 -22.36
N LEU A 7 1.25 -36.58 -22.09
CA LEU A 7 2.07 -36.41 -20.91
C LEU A 7 1.23 -36.70 -19.70
N ILE A 8 0.11 -36.03 -19.58
CA ILE A 8 -0.71 -36.31 -18.43
C ILE A 8 -1.02 -37.78 -18.41
N ASP A 9 -1.42 -38.32 -19.55
CA ASP A 9 -1.78 -39.73 -19.67
C ASP A 9 -0.69 -40.65 -19.15
N HIS A 10 0.53 -40.44 -19.59
CA HIS A 10 1.66 -41.26 -19.17
C HIS A 10 1.80 -41.23 -17.66
N THR A 11 2.08 -40.05 -17.14
CA THR A 11 2.29 -39.81 -15.72
C THR A 11 1.24 -40.42 -14.88
N SER A 12 0.01 -40.23 -15.28
CA SER A 12 -1.09 -40.73 -14.50
C SER A 12 -0.99 -42.22 -14.46
N ALA A 13 -0.57 -42.82 -15.55
CA ALA A 13 -0.46 -44.26 -15.60
C ALA A 13 0.54 -44.71 -14.60
N ILE A 14 1.63 -44.00 -14.52
CA ILE A 14 2.65 -44.32 -13.57
C ILE A 14 2.14 -44.16 -12.18
N ALA A 15 1.42 -43.10 -11.90
CA ALA A 15 0.93 -42.93 -10.54
C ALA A 15 0.01 -44.07 -10.09
N ALA A 16 -0.88 -44.51 -10.97
CA ALA A 16 -1.81 -45.59 -10.64
C ALA A 16 -1.19 -46.97 -10.35
N ALA A 17 -0.12 -47.35 -11.06
CA ALA A 17 0.51 -48.65 -10.81
C ALA A 17 1.24 -48.70 -9.46
N LYS A 18 1.67 -47.52 -9.00
CA LYS A 18 2.39 -47.36 -7.75
C LYS A 18 1.46 -46.95 -6.63
N ASP A 19 0.18 -47.09 -6.86
CA ASP A 19 -0.87 -46.84 -5.87
C ASP A 19 -0.96 -45.40 -5.37
N ARG A 20 -0.45 -44.46 -6.15
CA ARG A 20 -0.55 -43.05 -5.78
C ARG A 20 -1.86 -42.47 -6.28
N ALA A 21 -2.94 -42.81 -5.57
CA ALA A 21 -4.30 -42.36 -5.90
C ALA A 21 -4.45 -40.85 -5.81
N ASP A 22 -3.70 -40.23 -4.91
CA ASP A 22 -3.75 -38.78 -4.74
C ASP A 22 -3.26 -38.05 -5.98
N LEU A 23 -2.19 -38.55 -6.60
CA LEU A 23 -1.68 -37.94 -7.82
C LEU A 23 -2.58 -38.13 -9.04
N VAL A 24 -3.20 -39.31 -9.16
CA VAL A 24 -4.12 -39.57 -10.27
C VAL A 24 -5.30 -38.59 -10.28
N GLU A 25 -5.90 -38.37 -9.11
CA GLU A 25 -7.03 -37.47 -8.98
C GLU A 25 -6.55 -36.05 -9.29
N ARG A 26 -5.35 -35.71 -8.82
CA ARG A 26 -4.78 -34.38 -9.08
C ARG A 26 -4.59 -34.18 -10.59
N LEU A 27 -4.14 -35.23 -11.26
CA LEU A 27 -3.94 -35.20 -12.71
C LEU A 27 -5.29 -35.25 -13.42
N ARG A 28 -6.28 -35.85 -12.79
CA ARG A 28 -7.63 -35.90 -13.33
C ARG A 28 -8.20 -34.48 -13.34
N ALA A 29 -7.94 -33.76 -12.26
CA ALA A 29 -8.39 -32.38 -12.12
C ALA A 29 -7.71 -31.46 -13.13
N ALA A 30 -6.40 -31.67 -13.32
CA ALA A 30 -5.62 -30.87 -14.26
C ALA A 30 -6.13 -31.05 -15.68
N LYS A 31 -6.42 -32.30 -16.05
CA LYS A 31 -6.93 -32.63 -17.38
C LYS A 31 -8.30 -31.99 -17.57
N ALA A 32 -9.13 -32.03 -16.52
CA ALA A 32 -10.47 -31.43 -16.51
C ALA A 32 -10.38 -29.93 -16.69
N ARG A 33 -9.33 -29.33 -16.13
CA ARG A 33 -9.14 -27.88 -16.24
C ARG A 33 -8.90 -27.43 -17.63
N ILE A 34 -8.13 -28.21 -18.38
CA ILE A 34 -7.81 -27.72 -19.72
C ILE A 34 -8.84 -27.90 -20.86
N SER A 35 -9.84 -28.78 -20.69
CA SER A 35 -10.97 -29.04 -21.63
C SER A 35 -12.12 -28.04 -21.23
N ASP A 36 -12.38 -27.85 -19.93
CA ASP A 36 -13.41 -26.89 -19.48
C ASP A 36 -12.66 -25.81 -18.65
N PRO A 37 -12.00 -24.89 -19.39
CA PRO A 37 -11.08 -23.87 -18.86
C PRO A 37 -11.85 -22.82 -18.08
N GLN A 38 -13.12 -22.64 -18.42
CA GLN A 38 -13.95 -21.65 -17.77
C GLN A 38 -13.28 -20.28 -17.87
N ILE A 39 -13.08 -19.75 -19.08
CA ILE A 39 -12.51 -18.41 -19.19
C ILE A 39 -13.61 -17.34 -19.13
N ARG A 40 -13.82 -16.78 -17.96
CA ARG A 40 -14.99 -15.93 -17.73
C ARG A 40 -14.79 -14.49 -18.20
N VAL A 41 -15.70 -14.01 -19.04
CA VAL A 41 -15.68 -12.61 -19.50
C VAL A 41 -16.95 -11.91 -19.02
N VAL A 42 -16.80 -10.94 -18.12
CA VAL A 42 -17.97 -10.24 -17.58
C VAL A 42 -18.46 -9.10 -18.48
N ILE A 43 -19.73 -9.17 -18.86
CA ILE A 43 -20.36 -8.12 -19.67
C ILE A 43 -21.08 -7.08 -18.80
N ALA A 44 -20.38 -5.99 -18.51
CA ALA A 44 -20.87 -4.97 -17.60
C ALA A 44 -21.41 -3.71 -18.28
N GLY A 45 -22.00 -2.85 -17.47
CA GLY A 45 -22.55 -1.58 -17.89
C GLY A 45 -23.90 -1.23 -17.27
N GLN A 46 -24.26 0.05 -17.37
CA GLN A 46 -25.52 0.55 -16.85
C GLN A 46 -26.76 0.21 -17.64
N LEU A 47 -27.89 0.61 -17.06
CA LEU A 47 -29.22 0.38 -17.60
C LEU A 47 -29.33 1.05 -18.97
N LYS A 48 -30.19 0.50 -19.81
CA LYS A 48 -30.46 1.02 -21.12
C LYS A 48 -29.30 1.16 -22.05
N GLN A 49 -28.19 0.46 -21.81
CA GLN A 49 -27.10 0.66 -22.74
C GLN A 49 -27.00 -0.34 -23.92
N GLY A 50 -27.72 -1.46 -23.79
CA GLY A 50 -27.78 -2.47 -24.85
C GLY A 50 -26.93 -3.72 -24.56
N LYS A 51 -26.66 -4.06 -23.30
CA LYS A 51 -25.79 -5.22 -22.99
C LYS A 51 -26.35 -6.58 -23.38
N SER A 52 -27.57 -6.85 -22.95
CA SER A 52 -28.21 -8.14 -23.17
C SER A 52 -28.39 -8.35 -24.67
N GLN A 53 -28.81 -7.33 -25.39
CA GLN A 53 -28.99 -7.46 -26.82
C GLN A 53 -27.63 -7.77 -27.45
N LEU A 54 -26.57 -7.17 -26.91
CA LEU A 54 -25.20 -7.43 -27.37
C LEU A 54 -24.81 -8.90 -27.21
N LEU A 55 -25.10 -9.46 -26.04
CA LEU A 55 -24.80 -10.85 -25.75
C LEU A 55 -25.57 -11.78 -26.68
N ASN A 56 -26.84 -11.49 -26.88
CA ASN A 56 -27.68 -12.29 -27.79
C ASN A 56 -27.20 -12.20 -29.22
N SER A 57 -26.87 -11.00 -29.65
CA SER A 57 -26.39 -10.83 -31.01
C SER A 57 -25.04 -11.53 -31.16
N LEU A 58 -24.22 -11.47 -30.11
CA LEU A 58 -22.92 -12.13 -30.13
C LEU A 58 -23.01 -13.65 -30.28
N LEU A 59 -23.68 -14.32 -29.32
CA LEU A 59 -23.80 -15.78 -29.29
C LEU A 59 -24.84 -16.47 -30.21
N ASN A 60 -25.63 -15.66 -30.92
CA ASN A 60 -26.72 -16.17 -31.72
C ASN A 60 -27.64 -17.18 -30.96
N ILE A 61 -28.15 -16.84 -29.78
CA ILE A 61 -28.94 -17.77 -29.10
C ILE A 61 -29.79 -17.09 -27.99
N PRO A 62 -31.11 -17.36 -27.95
CA PRO A 62 -31.75 -16.56 -26.91
C PRO A 62 -31.67 -17.06 -25.50
N VAL A 63 -30.49 -17.32 -24.98
CA VAL A 63 -30.37 -17.70 -23.56
C VAL A 63 -30.44 -16.47 -22.62
N ALA A 64 -29.88 -15.37 -23.13
CA ALA A 64 -29.85 -14.15 -22.35
C ALA A 64 -31.21 -13.51 -22.38
N ARG A 65 -31.41 -12.50 -21.54
CA ARG A 65 -32.64 -11.75 -21.54
C ARG A 65 -32.56 -10.30 -22.01
N SER A 71 -33.85 -6.34 -17.77
CA SER A 71 -34.80 -7.42 -17.51
C SER A 71 -34.27 -8.44 -16.53
N THR A 72 -32.99 -8.77 -16.60
CA THR A 72 -32.45 -9.75 -15.68
C THR A 72 -32.21 -9.12 -14.31
N VAL A 73 -32.34 -10.00 -13.33
CA VAL A 73 -32.25 -9.70 -11.93
C VAL A 73 -31.18 -10.53 -11.22
N LEU A 74 -30.52 -11.38 -11.98
CA LEU A 74 -29.54 -12.29 -11.43
C LEU A 74 -28.40 -12.57 -12.39
N ALA A 75 -27.18 -12.52 -11.86
CA ALA A 75 -25.98 -12.79 -12.63
C ALA A 75 -26.06 -14.16 -13.29
N THR A 76 -25.84 -14.19 -14.60
CA THR A 76 -26.02 -15.40 -15.38
C THR A 76 -24.77 -15.73 -16.17
N VAL A 77 -24.20 -16.89 -15.88
CA VAL A 77 -23.00 -17.35 -16.56
C VAL A 77 -23.40 -18.26 -17.72
N VAL A 78 -22.91 -17.93 -18.91
CA VAL A 78 -23.21 -18.74 -20.09
C VAL A 78 -21.92 -19.38 -20.56
N SER A 79 -21.92 -20.71 -20.56
CA SER A 79 -20.79 -21.51 -21.00
C SER A 79 -21.23 -22.61 -21.95
N TYR A 80 -20.26 -23.24 -22.60
CA TYR A 80 -20.55 -24.27 -23.59
C TYR A 80 -21.18 -25.52 -22.97
N GLY A 81 -22.21 -26.00 -23.66
CA GLY A 81 -22.78 -27.32 -23.42
C GLY A 81 -23.58 -27.74 -24.63
N GLU A 82 -23.34 -28.97 -25.08
CA GLU A 82 -23.96 -29.48 -26.31
C GLU A 82 -25.47 -29.36 -26.24
N GLN A 83 -26.01 -29.64 -25.05
CA GLN A 83 -27.45 -29.56 -24.82
C GLN A 83 -27.73 -28.45 -23.80
N ALA A 84 -28.85 -27.73 -23.94
CA ALA A 84 -29.14 -26.63 -23.02
C ALA A 84 -29.36 -27.22 -21.61
N SER A 85 -28.73 -26.60 -20.62
CA SER A 85 -28.82 -26.99 -19.22
C SER A 85 -28.58 -25.78 -18.32
N ALA A 86 -29.02 -25.86 -17.08
CA ALA A 86 -28.96 -24.72 -16.17
C ALA A 86 -28.95 -25.17 -14.71
N ARG A 87 -28.23 -24.43 -13.88
CA ARG A 87 -28.16 -24.72 -12.45
C ARG A 87 -28.00 -23.46 -11.59
N LEU A 88 -28.53 -23.49 -10.38
CA LEU A 88 -28.43 -22.37 -9.46
C LEU A 88 -27.29 -22.50 -8.52
N VAL A 89 -26.52 -21.45 -8.34
CA VAL A 89 -25.39 -21.43 -7.43
C VAL A 89 -25.90 -20.84 -6.12
N VAL A 90 -26.14 -21.68 -5.13
CA VAL A 90 -26.83 -21.25 -3.92
C VAL A 90 -25.87 -21.14 -2.74
N ALA A 91 -25.90 -20.00 -2.06
CA ALA A 91 -24.96 -19.70 -1.00
C ALA A 91 -25.18 -20.58 0.23
N ARG A 92 -24.10 -20.88 0.93
CA ARG A 92 -24.20 -21.53 2.24
C ARG A 92 -23.69 -20.59 3.33
N PRO A 93 -24.15 -20.80 4.57
CA PRO A 93 -23.77 -19.91 5.68
C PRO A 93 -22.28 -19.96 6.01
N ASP A 94 -21.77 -18.87 6.56
CA ASP A 94 -20.43 -18.81 7.15
C ASP A 94 -19.31 -19.19 6.17
N GLY A 95 -19.42 -18.72 4.94
CA GLY A 95 -18.38 -18.92 3.93
C GLY A 95 -18.16 -20.34 3.45
N ALA A 96 -19.12 -21.22 3.70
CA ALA A 96 -19.03 -22.58 3.19
C ALA A 96 -19.15 -22.59 1.66
N GLU A 97 -18.70 -23.66 1.03
CA GLU A 97 -18.76 -23.80 -0.42
C GLU A 97 -20.19 -23.74 -0.91
N PRO A 98 -20.47 -22.90 -1.92
CA PRO A 98 -21.83 -22.80 -2.44
C PRO A 98 -22.33 -24.11 -3.02
N GLU A 99 -23.66 -24.26 -3.07
CA GLU A 99 -24.28 -25.48 -3.56
C GLU A 99 -24.85 -25.33 -4.97
N LEU A 100 -24.58 -26.32 -5.82
CA LEU A 100 -25.14 -26.38 -7.17
C LEU A 100 -26.46 -27.14 -7.22
N ILE A 101 -27.50 -26.50 -7.76
CA ILE A 101 -28.79 -27.15 -7.86
C ILE A 101 -29.30 -27.20 -9.31
N GLU A 102 -29.34 -28.37 -9.90
CA GLU A 102 -29.82 -28.44 -11.27
C GLU A 102 -31.20 -27.81 -11.29
N ILE A 103 -31.63 -27.37 -12.45
CA ILE A 103 -32.92 -26.73 -12.55
C ILE A 103 -33.36 -26.84 -13.98
N PRO A 104 -34.64 -26.99 -14.24
CA PRO A 104 -35.05 -27.10 -15.62
C PRO A 104 -34.82 -25.81 -16.33
N PRO A 105 -34.44 -25.85 -17.59
CA PRO A 105 -34.28 -24.62 -18.35
C PRO A 105 -35.49 -23.67 -18.34
N SER A 106 -36.72 -24.16 -18.36
CA SER A 106 -37.88 -23.30 -18.32
C SER A 106 -37.85 -22.31 -17.16
N GLU A 107 -37.03 -22.56 -16.16
CA GLU A 107 -36.97 -21.62 -15.05
C GLU A 107 -36.11 -20.37 -15.27
N VAL A 108 -35.09 -20.44 -16.08
CA VAL A 108 -34.16 -19.32 -16.20
C VAL A 108 -34.92 -18.08 -16.62
N THR A 109 -35.98 -18.26 -17.38
CA THR A 109 -36.76 -17.12 -17.85
C THR A 109 -37.36 -16.25 -16.76
N THR A 110 -37.60 -16.80 -15.57
CA THR A 110 -38.21 -16.00 -14.53
C THR A 110 -37.89 -16.25 -13.06
N ASP A 111 -37.40 -15.16 -12.48
CA ASP A 111 -36.99 -14.93 -11.08
C ASP A 111 -36.45 -16.00 -10.17
N LEU A 112 -35.29 -16.52 -10.48
CA LEU A 112 -34.74 -17.52 -9.61
C LEU A 112 -34.20 -16.81 -8.43
N ARG A 113 -34.42 -15.52 -8.29
CA ARG A 113 -33.79 -14.95 -7.12
C ARG A 113 -34.37 -15.61 -5.91
N ARG A 114 -35.62 -16.01 -6.04
CA ARG A 114 -36.28 -16.72 -4.98
C ARG A 114 -36.79 -18.09 -5.47
N ALA A 115 -36.02 -18.71 -6.36
CA ALA A 115 -36.40 -20.04 -6.82
C ALA A 115 -36.60 -20.96 -5.63
N PRO A 116 -37.75 -21.66 -5.61
CA PRO A 116 -38.19 -22.54 -4.52
C PRO A 116 -37.15 -23.58 -4.14
N GLN A 117 -36.39 -24.05 -5.12
CA GLN A 117 -35.37 -25.08 -4.92
C GLN A 117 -34.26 -24.53 -4.02
N ALA A 118 -34.20 -23.20 -3.92
CA ALA A 118 -33.16 -22.53 -3.15
C ALA A 118 -33.50 -22.54 -1.66
N SER A 119 -34.76 -22.81 -1.35
CA SER A 119 -35.21 -22.94 0.04
C SER A 119 -34.88 -21.71 0.92
N GLY A 120 -35.04 -20.52 0.34
CA GLY A 120 -34.83 -19.28 1.07
C GLY A 120 -33.39 -18.79 1.24
N ARG A 121 -32.43 -19.53 0.70
CA ARG A 121 -31.03 -19.10 0.78
C ARG A 121 -30.72 -18.11 -0.33
N GLN A 122 -29.66 -17.33 -0.17
CA GLN A 122 -29.33 -16.32 -1.18
C GLN A 122 -28.77 -17.03 -2.42
N VAL A 123 -29.36 -16.75 -3.57
CA VAL A 123 -28.84 -17.24 -4.85
C VAL A 123 -27.85 -16.27 -5.46
N LEU A 124 -26.58 -16.67 -5.46
CA LEU A 124 -25.48 -15.83 -5.93
C LEU A 124 -25.53 -15.58 -7.44
N ARG A 125 -25.91 -16.60 -8.20
CA ARG A 125 -25.92 -16.49 -9.65
C ARG A 125 -26.61 -17.69 -10.31
N VAL A 126 -26.74 -17.64 -11.63
CA VAL A 126 -27.23 -18.78 -12.38
C VAL A 126 -26.21 -19.15 -13.44
N GLU A 127 -25.98 -20.44 -13.60
CA GLU A 127 -25.04 -20.94 -14.59
C GLU A 127 -25.77 -21.83 -15.59
N VAL A 128 -25.79 -21.39 -16.84
CA VAL A 128 -26.52 -22.07 -17.89
C VAL A 128 -25.58 -22.46 -19.02
N THR A 129 -25.97 -23.47 -19.80
CA THR A 129 -25.15 -23.90 -20.91
C THR A 129 -25.81 -23.49 -22.21
N ALA A 130 -25.02 -23.47 -23.27
CA ALA A 130 -25.52 -23.14 -24.59
C ALA A 130 -24.61 -23.74 -25.64
N PRO A 131 -25.18 -24.23 -26.75
CA PRO A 131 -24.36 -24.88 -27.76
C PRO A 131 -23.93 -23.90 -28.85
N SER A 132 -23.14 -22.92 -28.43
CA SER A 132 -22.70 -21.85 -29.32
C SER A 132 -21.24 -22.09 -29.65
N PRO A 133 -20.91 -22.14 -30.94
CA PRO A 133 -19.52 -22.39 -31.37
C PRO A 133 -18.54 -21.41 -30.74
N LEU A 134 -19.04 -20.25 -30.34
CA LEU A 134 -18.19 -19.26 -29.69
C LEU A 134 -17.70 -19.76 -28.33
N LEU A 135 -18.49 -20.57 -27.63
CA LEU A 135 -18.10 -20.97 -26.28
C LEU A 135 -17.28 -22.25 -26.12
N LYS A 136 -17.21 -23.07 -27.16
CA LYS A 136 -16.42 -24.31 -27.13
C LYS A 136 -14.99 -24.17 -26.64
N GLY A 137 -14.33 -23.09 -27.02
CA GLY A 137 -12.92 -22.87 -26.70
C GLY A 137 -12.80 -22.66 -25.20
N GLY A 138 -13.89 -22.31 -24.53
CA GLY A 138 -13.88 -22.15 -23.09
C GLY A 138 -14.28 -20.79 -22.57
N LEU A 139 -14.71 -19.92 -23.47
CA LEU A 139 -15.20 -18.62 -23.03
C LEU A 139 -16.53 -18.79 -22.33
N ALA A 140 -16.67 -18.09 -21.22
CA ALA A 140 -17.91 -18.07 -20.46
C ALA A 140 -18.28 -16.61 -20.22
N PHE A 141 -19.50 -16.24 -20.56
CA PHE A 141 -19.92 -14.86 -20.44
C PHE A 141 -20.81 -14.73 -19.21
N VAL A 142 -20.55 -13.68 -18.45
CA VAL A 142 -21.31 -13.40 -17.25
C VAL A 142 -22.21 -12.19 -17.48
N ASP A 143 -23.48 -12.47 -17.73
CA ASP A 143 -24.48 -11.43 -17.82
C ASP A 143 -24.74 -10.87 -16.44
N THR A 144 -24.88 -9.55 -16.38
CA THR A 144 -25.03 -8.86 -15.11
C THR A 144 -26.45 -8.32 -15.04
N PRO A 145 -27.01 -8.23 -13.82
CA PRO A 145 -28.37 -7.74 -13.71
C PRO A 145 -28.44 -6.26 -14.06
N GLY A 146 -29.66 -5.77 -14.28
CA GLY A 146 -29.88 -4.37 -14.58
C GLY A 146 -29.47 -3.49 -13.42
N VAL A 147 -28.56 -2.56 -13.70
CA VAL A 147 -28.10 -1.62 -12.68
C VAL A 147 -28.16 -0.19 -13.21
N GLY A 148 -28.23 0.76 -12.29
CA GLY A 148 -28.23 2.17 -12.64
C GLY A 148 -29.64 2.73 -12.71
N GLY A 149 -30.64 1.86 -12.61
CA GLY A 149 -32.03 2.29 -12.66
C GLY A 149 -32.72 2.27 -11.31
N HIS A 150 -33.96 2.74 -11.28
CA HIS A 150 -34.73 2.80 -10.05
C HIS A 150 -34.96 1.40 -9.49
N GLY A 151 -34.61 1.20 -8.23
CA GLY A 151 -34.80 -0.09 -7.60
C GLY A 151 -33.69 -1.06 -7.91
N GLN A 152 -32.70 -0.60 -8.68
CA GLN A 152 -31.60 -1.47 -9.09
C GLN A 152 -30.33 -1.20 -8.29
N PRO A 153 -29.38 -2.16 -8.31
CA PRO A 153 -28.05 -1.93 -7.75
C PRO A 153 -27.25 -0.86 -8.47
N HIS A 154 -26.24 -0.33 -7.79
CA HIS A 154 -25.33 0.64 -8.40
C HIS A 154 -24.37 -0.11 -9.32
N LEU A 155 -23.80 0.60 -10.29
CA LEU A 155 -22.90 -0.02 -11.25
C LEU A 155 -21.69 -0.69 -10.58
N SER A 156 -21.30 -0.16 -9.42
CA SER A 156 -20.14 -0.68 -8.67
C SER A 156 -20.39 -2.06 -8.08
N ALA A 157 -21.65 -2.47 -8.03
CA ALA A 157 -22.03 -3.79 -7.54
C ALA A 157 -21.48 -4.88 -8.46
N THR A 158 -21.17 -4.50 -9.70
CA THR A 158 -20.65 -5.42 -10.69
C THR A 158 -19.23 -5.90 -10.33
N LEU A 159 -18.55 -5.14 -9.48
CA LEU A 159 -17.18 -5.50 -9.08
C LEU A 159 -17.06 -6.87 -8.42
N GLY A 160 -18.14 -7.35 -7.81
CA GLY A 160 -18.08 -8.64 -7.14
C GLY A 160 -17.90 -9.83 -8.08
N LEU A 161 -18.06 -9.58 -9.38
CA LEU A 161 -17.91 -10.63 -10.38
C LEU A 161 -16.51 -10.70 -10.96
N LEU A 162 -15.70 -9.68 -10.69
CA LEU A 162 -14.44 -9.48 -11.39
C LEU A 162 -13.23 -10.24 -10.83
N PRO A 163 -13.14 -10.43 -9.49
CA PRO A 163 -11.99 -11.21 -9.01
C PRO A 163 -11.87 -12.60 -9.65
N ASP A 164 -12.99 -13.20 -10.01
CA ASP A 164 -12.97 -14.52 -10.62
C ASP A 164 -13.11 -14.42 -12.13
N ALA A 165 -13.05 -13.20 -12.66
CA ALA A 165 -13.17 -13.00 -14.09
C ALA A 165 -11.80 -12.79 -14.71
N ASP A 166 -11.68 -13.11 -16.00
CA ASP A 166 -10.43 -12.93 -16.72
C ASP A 166 -10.47 -11.68 -17.60
N ALA A 167 -11.68 -11.23 -17.90
CA ALA A 167 -11.87 -10.07 -18.75
C ALA A 167 -13.21 -9.39 -18.48
N MET A 168 -13.32 -8.13 -18.89
CA MET A 168 -14.57 -7.40 -18.75
C MET A 168 -14.90 -6.65 -20.03
N LEU A 169 -16.15 -6.77 -20.48
CA LEU A 169 -16.63 -5.90 -21.54
C LEU A 169 -17.55 -4.84 -20.95
N MET A 170 -17.10 -3.60 -21.02
CA MET A 170 -17.83 -2.47 -20.50
C MET A 170 -18.71 -1.88 -21.59
N ILE A 171 -20.01 -2.02 -21.41
CA ILE A 171 -20.96 -1.60 -22.42
C ILE A 171 -21.37 -0.19 -22.04
N SER A 172 -21.21 0.69 -23.02
CA SER A 172 -21.62 2.06 -22.86
C SER A 172 -22.10 2.55 -24.20
N ASP A 173 -23.37 2.93 -24.22
CA ASP A 173 -24.02 3.32 -25.45
C ASP A 173 -23.56 4.70 -25.92
N THR A 174 -23.84 4.98 -27.18
CA THR A 174 -23.34 6.18 -27.84
C THR A 174 -24.36 7.32 -27.80
N SER A 175 -25.20 7.40 -26.77
CA SER A 175 -26.12 8.53 -26.70
C SER A 175 -25.43 9.79 -26.19
N GLN A 176 -24.44 9.61 -25.34
CA GLN A 176 -23.66 10.72 -24.80
C GLN A 176 -22.36 10.09 -24.30
N GLU A 177 -21.40 10.93 -23.96
CA GLU A 177 -20.11 10.48 -23.46
C GLU A 177 -20.25 9.86 -22.05
N PHE A 178 -19.15 9.30 -21.52
CA PHE A 178 -19.13 8.75 -20.17
C PHE A 178 -19.57 9.70 -19.08
N THR A 179 -20.39 9.17 -18.17
CA THR A 179 -20.70 9.88 -16.94
C THR A 179 -19.58 9.59 -15.95
N GLU A 180 -19.53 10.36 -14.87
CA GLU A 180 -18.52 10.16 -13.83
C GLU A 180 -18.62 8.79 -13.13
N PRO A 181 -19.85 8.30 -12.85
CA PRO A 181 -19.90 6.94 -12.29
C PRO A 181 -19.31 5.86 -13.20
N GLU A 182 -19.50 5.97 -14.51
CA GLU A 182 -18.91 4.99 -15.42
C GLU A 182 -17.39 5.06 -15.33
N MET A 183 -16.84 6.27 -15.33
CA MET A 183 -15.40 6.46 -15.23
C MET A 183 -14.78 5.93 -13.94
N LYS A 184 -15.43 6.20 -12.80
CA LYS A 184 -14.90 5.73 -11.52
C LYS A 184 -14.94 4.20 -11.51
N PHE A 185 -16.02 3.64 -12.04
CA PHE A 185 -16.15 2.19 -12.09
C PHE A 185 -15.10 1.55 -12.98
N ILE A 186 -14.80 2.15 -14.12
CA ILE A 186 -13.80 1.57 -15.00
C ILE A 186 -12.41 1.48 -14.35
N ARG A 187 -11.99 2.56 -13.71
CA ARG A 187 -10.71 2.59 -13.00
C ARG A 187 -10.68 1.56 -11.88
N GLN A 188 -11.77 1.46 -11.12
CA GLN A 188 -11.87 0.49 -10.03
C GLN A 188 -11.82 -0.92 -10.59
N ALA A 189 -12.52 -1.14 -11.70
CA ALA A 189 -12.60 -2.47 -12.29
C ALA A 189 -11.22 -2.94 -12.75
N LEU A 190 -10.44 -2.00 -13.28
CA LEU A 190 -9.10 -2.30 -13.77
C LEU A 190 -8.13 -2.68 -12.65
N GLU A 191 -8.44 -2.24 -11.43
CA GLU A 191 -7.63 -2.58 -10.28
C GLU A 191 -7.72 -4.07 -9.97
N ILE A 192 -8.85 -4.67 -10.31
CA ILE A 192 -9.10 -6.08 -10.03
C ILE A 192 -8.93 -6.95 -11.28
N CYS A 193 -9.37 -6.40 -12.42
CA CYS A 193 -9.38 -7.10 -13.71
C CYS A 193 -8.80 -6.25 -14.84
N PRO A 194 -7.47 -6.34 -15.04
CA PRO A 194 -6.75 -5.48 -16.00
C PRO A 194 -7.16 -5.65 -17.47
N VAL A 195 -7.47 -6.87 -17.89
CA VAL A 195 -7.89 -7.13 -19.28
C VAL A 195 -9.34 -6.70 -19.50
N ALA A 196 -9.55 -5.58 -20.20
CA ALA A 196 -10.91 -5.08 -20.40
C ALA A 196 -11.05 -4.24 -21.66
N ALA A 197 -12.28 -4.12 -22.15
CA ALA A 197 -12.56 -3.28 -23.32
C ALA A 197 -13.92 -2.59 -23.21
N ILE A 198 -13.98 -1.36 -23.72
CA ILE A 198 -15.24 -0.64 -23.83
C ILE A 198 -15.90 -1.00 -25.16
N VAL A 199 -17.16 -1.42 -25.12
CA VAL A 199 -17.92 -1.61 -26.33
C VAL A 199 -18.92 -0.48 -26.51
N ALA A 200 -18.68 0.36 -27.51
CA ALA A 200 -19.59 1.48 -27.78
C ALA A 200 -20.73 1.02 -28.67
N THR A 201 -21.87 0.76 -28.03
CA THR A 201 -23.01 0.12 -28.68
C THR A 201 -23.94 1.16 -29.29
N LYS A 202 -24.88 0.66 -30.09
CA LYS A 202 -25.94 1.48 -30.67
C LYS A 202 -25.40 2.55 -31.62
N THR A 203 -24.38 2.19 -32.40
CA THR A 203 -23.84 3.14 -33.37
C THR A 203 -24.85 3.39 -34.47
N ASP A 204 -25.74 2.42 -34.66
CA ASP A 204 -26.81 2.50 -35.64
C ASP A 204 -27.94 3.46 -35.29
N LEU A 205 -28.07 3.82 -34.01
CA LEU A 205 -29.21 4.62 -33.61
C LEU A 205 -28.85 6.11 -33.51
N TYR A 206 -27.58 6.41 -33.19
CA TYR A 206 -27.10 7.78 -32.99
C TYR A 206 -26.04 8.20 -34.00
N PRO A 207 -26.42 9.07 -34.95
CA PRO A 207 -25.60 9.57 -36.07
C PRO A 207 -24.28 10.26 -35.68
N HIS A 208 -24.19 10.88 -34.51
CA HIS A 208 -22.93 11.56 -34.13
C HIS A 208 -22.12 10.66 -33.21
N TRP A 209 -22.28 9.35 -33.35
CA TRP A 209 -21.66 8.40 -32.45
C TRP A 209 -20.15 8.46 -32.47
N ARG A 210 -19.64 8.94 -33.58
CA ARG A 210 -18.21 8.98 -33.81
C ARG A 210 -17.35 9.83 -32.94
N GLN A 211 -17.77 11.04 -32.69
CA GLN A 211 -16.98 11.92 -31.87
C GLN A 211 -16.92 11.48 -30.45
N ILE A 212 -18.03 10.97 -29.98
CA ILE A 212 -18.16 10.51 -28.62
C ILE A 212 -17.20 9.40 -28.33
N VAL A 213 -17.00 8.47 -29.25
CA VAL A 213 -16.05 7.43 -29.02
C VAL A 213 -14.67 8.01 -28.89
N ASP A 214 -14.33 8.94 -29.77
CA ASP A 214 -13.03 9.55 -29.68
C ASP A 214 -12.88 10.34 -28.42
N ALA A 215 -13.93 11.05 -28.05
CA ALA A 215 -13.83 11.86 -26.85
C ALA A 215 -13.59 11.01 -25.66
N ASN A 216 -14.36 9.93 -25.56
CA ASN A 216 -14.27 9.03 -24.44
C ASN A 216 -12.93 8.48 -24.52
N ILE A 217 -12.52 8.16 -25.70
CA ILE A 217 -11.20 7.57 -25.73
C ILE A 217 -10.18 8.50 -25.20
N ALA A 218 -10.36 9.77 -25.47
CA ALA A 218 -9.44 10.80 -25.03
C ALA A 218 -9.35 10.69 -23.56
N HIS A 219 -10.50 10.88 -22.95
CA HIS A 219 -10.75 10.81 -21.54
C HIS A 219 -9.98 9.74 -20.82
N LEU A 220 -10.05 8.52 -21.28
CA LEU A 220 -9.32 7.44 -20.67
C LEU A 220 -7.84 7.74 -20.64
N GLN A 221 -7.27 8.15 -21.75
CA GLN A 221 -5.84 8.44 -21.77
C GLN A 221 -5.56 9.55 -20.81
N ARG A 222 -6.34 10.61 -20.87
CA ARG A 222 -6.16 11.73 -19.97
C ARG A 222 -6.33 11.32 -18.52
N ALA A 223 -7.27 10.43 -18.23
CA ALA A 223 -7.48 9.92 -16.88
C ALA A 223 -6.65 8.68 -16.58
N GLY A 224 -5.70 8.35 -17.43
CA GLY A 224 -4.84 7.23 -17.16
C GLY A 224 -5.47 5.89 -17.33
N LEU A 225 -6.70 5.80 -17.81
CA LEU A 225 -7.26 4.46 -17.97
C LEU A 225 -6.98 3.76 -19.31
N ASN A 226 -6.24 2.66 -19.26
CA ASN A 226 -5.83 1.92 -20.47
C ASN A 226 -6.87 0.90 -20.89
N VAL A 227 -7.89 1.37 -21.59
CA VAL A 227 -8.91 0.47 -22.11
C VAL A 227 -9.14 0.76 -23.60
N PRO A 228 -9.11 -0.28 -24.44
CA PRO A 228 -9.43 -0.04 -25.85
C PRO A 228 -10.93 0.18 -26.02
N VAL A 229 -11.34 0.96 -27.02
CA VAL A 229 -12.75 1.16 -27.30
C VAL A 229 -13.17 0.52 -28.62
N ILE A 230 -14.18 -0.35 -28.58
CA ILE A 230 -14.65 -1.03 -29.77
C ILE A 230 -16.10 -0.65 -30.06
N PRO A 231 -16.31 0.12 -31.14
CA PRO A 231 -17.66 0.48 -31.58
C PRO A 231 -18.39 -0.76 -32.07
N ALA A 232 -19.72 -0.78 -31.95
CA ALA A 232 -20.49 -1.95 -32.36
C ALA A 232 -21.97 -1.62 -32.50
N SER A 233 -22.65 -2.38 -33.35
CA SER A 233 -24.10 -2.30 -33.45
C SER A 233 -24.74 -3.69 -33.43
N SER A 234 -25.38 -4.00 -32.32
CA SER A 234 -26.06 -5.29 -32.12
C SER A 234 -27.19 -5.40 -33.14
N VAL A 235 -27.77 -4.26 -33.47
CA VAL A 235 -28.86 -4.15 -34.44
C VAL A 235 -28.43 -4.61 -35.85
N LEU A 236 -27.30 -4.12 -36.36
CA LEU A 236 -26.76 -4.58 -37.65
C LEU A 236 -26.44 -6.07 -37.66
N ARG A 237 -25.83 -6.57 -36.57
CA ARG A 237 -25.52 -7.99 -36.38
C ARG A 237 -26.74 -8.88 -36.55
N SER A 238 -27.86 -8.40 -36.03
CA SER A 238 -29.10 -9.14 -36.05
C SER A 238 -29.62 -9.22 -37.48
N HIS A 239 -29.40 -8.14 -38.22
CA HIS A 239 -29.79 -8.03 -39.63
C HIS A 239 -28.91 -8.95 -40.47
N ALA A 240 -27.67 -9.04 -40.03
CA ALA A 240 -26.62 -9.82 -40.63
C ALA A 240 -26.88 -11.32 -40.66
N ILE A 241 -27.36 -11.86 -39.55
CA ILE A 241 -27.72 -13.27 -39.45
C ILE A 241 -28.73 -13.60 -40.53
N SER A 242 -29.76 -12.76 -40.58
CA SER A 242 -30.88 -12.88 -41.50
C SER A 242 -30.48 -12.90 -42.95
N LEU A 243 -29.89 -11.83 -43.42
CA LEU A 243 -29.68 -11.72 -44.85
C LEU A 243 -28.49 -12.41 -45.42
N ASN A 244 -27.71 -13.07 -44.56
CA ASN A 244 -26.50 -13.75 -44.94
C ASN A 244 -25.63 -12.80 -45.67
N ASP A 245 -25.37 -11.66 -45.05
CA ASP A 245 -24.57 -10.68 -45.67
C ASP A 245 -23.35 -10.49 -44.86
N LYS A 246 -22.18 -10.91 -45.32
CA LYS A 246 -21.03 -10.58 -44.51
C LYS A 246 -20.95 -9.10 -44.50
N GLU A 247 -21.14 -8.55 -45.66
CA GLU A 247 -21.04 -7.09 -45.88
C GLU A 247 -21.29 -6.20 -44.69
N LEU A 248 -22.30 -6.57 -43.94
CA LEU A 248 -22.81 -5.96 -42.69
C LEU A 248 -22.03 -6.26 -41.39
N ASN A 249 -21.46 -7.46 -41.37
CA ASN A 249 -20.64 -7.88 -40.25
C ASN A 249 -19.35 -7.10 -40.00
N GLU A 250 -18.63 -6.72 -41.05
CA GLU A 250 -17.46 -5.87 -40.92
C GLU A 250 -18.10 -4.53 -40.51
N GLU A 251 -19.28 -4.28 -41.09
CA GLU A 251 -20.01 -3.03 -40.84
C GLU A 251 -20.50 -2.91 -39.40
N SER A 252 -20.87 -4.03 -38.79
CA SER A 252 -21.29 -4.07 -37.40
C SER A 252 -20.11 -3.96 -36.44
N ASN A 253 -18.92 -4.20 -36.98
CA ASN A 253 -17.66 -4.14 -36.23
C ASN A 253 -17.59 -5.21 -35.13
N PHE A 254 -18.47 -6.20 -35.18
CA PHE A 254 -18.40 -7.32 -34.25
C PHE A 254 -17.16 -8.22 -34.36
N PRO A 255 -16.59 -8.39 -35.57
CA PRO A 255 -15.29 -9.07 -35.66
C PRO A 255 -14.21 -8.42 -34.80
N ALA A 256 -14.29 -7.10 -34.62
CA ALA A 256 -13.34 -6.38 -33.80
C ALA A 256 -13.48 -6.76 -32.34
N ILE A 257 -14.69 -7.07 -31.92
CA ILE A 257 -14.91 -7.56 -30.56
C ILE A 257 -14.31 -8.95 -30.35
N VAL A 258 -14.53 -9.84 -31.31
CA VAL A 258 -13.97 -11.20 -31.26
C VAL A 258 -12.44 -11.31 -31.22
N LYS A 259 -11.75 -10.53 -32.05
CA LYS A 259 -10.28 -10.55 -32.07
C LYS A 259 -9.73 -10.15 -30.71
N PHE A 260 -10.31 -9.13 -30.09
CA PHE A 260 -9.87 -8.73 -28.76
C PHE A 260 -10.13 -9.91 -27.84
N LEU A 261 -11.30 -10.51 -27.95
CA LEU A 261 -11.60 -11.66 -27.11
C LEU A 261 -10.63 -12.79 -27.41
N SER A 262 -10.27 -12.94 -28.69
CA SER A 262 -9.34 -13.99 -29.10
C SER A 262 -7.90 -13.69 -28.68
N GLU A 263 -7.44 -12.48 -29.03
CA GLU A 263 -6.02 -12.12 -28.86
C GLU A 263 -5.62 -11.65 -27.47
N HIS A 264 -6.57 -11.09 -26.72
CA HIS A 264 -6.26 -10.49 -25.43
C HIS A 264 -6.88 -11.22 -24.24
N VAL A 265 -7.80 -12.12 -24.53
CA VAL A 265 -8.47 -12.86 -23.47
C VAL A 265 -8.21 -14.35 -23.63
N LEU A 266 -8.73 -14.93 -24.71
CA LEU A 266 -8.66 -16.37 -24.91
C LEU A 266 -7.20 -16.83 -25.06
N SER A 267 -6.44 -16.18 -25.92
CA SER A 267 -5.04 -16.55 -26.17
C SER A 267 -4.15 -16.37 -24.94
N ARG A 268 -4.31 -15.23 -24.26
CA ARG A 268 -3.50 -14.87 -23.09
C ARG A 268 -3.76 -15.91 -22.00
N GLN A 269 -5.03 -16.25 -21.75
CA GLN A 269 -5.39 -17.16 -20.68
C GLN A 269 -5.03 -18.63 -20.96
N ASN A 270 -5.15 -19.04 -22.22
CA ASN A 270 -4.75 -20.39 -22.65
C ASN A 270 -3.30 -20.74 -22.40
N ASP A 271 -2.46 -19.73 -22.57
CA ASP A 271 -1.03 -19.85 -22.32
C ASP A 271 -0.83 -20.08 -20.84
N ARG A 272 -1.61 -19.35 -20.05
CA ARG A 272 -1.55 -19.43 -18.61
C ARG A 272 -2.07 -20.77 -18.11
N ILE A 273 -3.13 -21.28 -18.73
CA ILE A 273 -3.62 -22.59 -18.33
C ILE A 273 -2.63 -23.71 -18.65
N ARG A 274 -2.02 -23.70 -19.83
CA ARG A 274 -1.01 -24.71 -20.16
C ARG A 274 0.16 -24.73 -19.17
N ASP A 275 0.65 -23.54 -18.79
CA ASP A 275 1.79 -23.44 -17.90
C ASP A 275 1.46 -24.07 -16.53
N GLN A 276 0.27 -23.85 -16.00
CA GLN A 276 0.00 -24.37 -14.67
C GLN A 276 -0.13 -25.91 -14.79
N ILE A 277 -0.72 -26.40 -15.89
CA ILE A 277 -0.86 -27.85 -16.07
C ILE A 277 0.49 -28.55 -16.29
N VAL A 278 1.41 -27.94 -17.04
CA VAL A 278 2.75 -28.53 -17.19
C VAL A 278 3.47 -28.62 -15.83
N ASP A 279 3.29 -27.59 -15.01
CA ASP A 279 3.88 -27.56 -13.67
C ASP A 279 3.21 -28.67 -12.85
N GLU A 280 1.93 -28.90 -13.08
CA GLU A 280 1.22 -29.98 -12.39
C GLU A 280 1.79 -31.34 -12.79
N ILE A 281 2.08 -31.53 -14.08
CA ILE A 281 2.68 -32.77 -14.57
C ILE A 281 4.06 -32.99 -13.97
N ARG A 282 4.87 -31.94 -13.99
CA ARG A 282 6.23 -31.96 -13.45
C ARG A 282 6.22 -32.28 -11.95
N SER A 283 5.36 -31.62 -11.20
CA SER A 283 5.28 -31.85 -9.75
C SER A 283 4.89 -33.29 -9.45
N ALA A 284 3.89 -33.80 -10.17
CA ALA A 284 3.42 -35.17 -9.99
C ALA A 284 4.51 -36.18 -10.29
N ALA A 285 5.26 -35.92 -11.36
CA ALA A 285 6.36 -36.78 -11.77
C ALA A 285 7.48 -36.77 -10.73
N GLU A 286 7.77 -35.59 -10.19
CA GLU A 286 8.85 -35.41 -9.22
C GLU A 286 8.50 -36.06 -7.88
N HIS A 287 7.22 -36.11 -7.55
CA HIS A 287 6.77 -36.79 -6.34
C HIS A 287 7.07 -38.28 -6.51
N LEU A 288 6.82 -38.79 -7.72
CA LEU A 288 7.10 -40.18 -8.04
C LEU A 288 8.60 -40.44 -8.10
N LEU A 289 9.36 -39.47 -8.60
CA LEU A 289 10.80 -39.60 -8.72
C LEU A 289 11.50 -39.71 -7.37
N LEU A 290 10.92 -39.07 -6.36
CA LEU A 290 11.50 -39.03 -5.02
C LEU A 290 11.67 -40.42 -4.43
N ALA A 291 10.64 -41.24 -4.55
CA ALA A 291 10.67 -42.60 -4.02
C ALA A 291 11.60 -43.48 -4.84
N VAL A 292 11.64 -43.24 -6.14
CA VAL A 292 12.50 -43.99 -7.04
C VAL A 292 13.99 -43.75 -6.74
N GLU A 293 14.37 -42.48 -6.63
CA GLU A 293 15.77 -42.13 -6.41
C GLU A 293 16.21 -42.36 -4.97
N SER A 294 15.26 -42.35 -4.04
CA SER A 294 15.58 -42.67 -2.65
C SER A 294 15.95 -44.14 -2.54
N GLU A 295 15.18 -44.99 -3.21
CA GLU A 295 15.47 -46.42 -3.23
C GLU A 295 16.77 -46.71 -3.96
N LEU A 296 17.02 -45.97 -5.04
CA LEU A 296 18.27 -46.13 -5.79
C LEU A 296 19.47 -45.79 -4.93
N SER A 297 19.38 -44.70 -4.18
CA SER A 297 20.45 -44.29 -3.28
C SER A 297 20.72 -45.34 -2.20
N SER A 298 19.66 -45.93 -1.68
CA SER A 298 19.80 -46.97 -0.66
C SER A 298 20.53 -48.19 -1.20
N PHE A 299 20.30 -48.53 -2.46
CA PHE A 299 21.01 -49.64 -3.09
C PHE A 299 22.45 -49.25 -3.39
N ASN A 300 22.62 -48.24 -4.24
CA ASN A 300 23.92 -47.84 -4.75
C ASN A 300 24.86 -47.25 -3.70
N ASP A 301 24.29 -46.71 -2.63
CA ASP A 301 25.10 -46.02 -1.61
C ASP A 301 24.69 -46.41 -0.21
N PRO A 302 25.01 -47.66 0.18
CA PRO A 302 24.54 -48.19 1.47
C PRO A 302 25.01 -47.39 2.68
N GLY A 303 26.23 -46.86 2.65
CA GLY A 303 26.76 -46.13 3.80
C GLY A 303 26.12 -44.79 4.10
N GLU A 304 25.19 -44.37 3.26
CA GLU A 304 24.52 -43.08 3.42
C GLU A 304 23.05 -43.22 3.78
N ARG A 305 22.66 -44.47 4.01
CA ARG A 305 21.28 -44.84 4.31
C ARG A 305 20.88 -44.07 5.57
N GLU A 306 21.81 -43.95 6.51
CA GLU A 306 21.55 -43.22 7.75
C GLU A 306 21.15 -41.78 7.45
N ARG A 307 21.90 -41.10 6.60
CA ARG A 307 21.62 -39.71 6.27
C ARG A 307 20.37 -39.58 5.41
N LEU A 308 20.20 -40.54 4.50
CA LEU A 308 19.04 -40.53 3.63
C LEU A 308 17.74 -40.68 4.41
N THR A 309 17.70 -41.68 5.28
CA THR A 309 16.49 -41.95 6.06
C THR A 309 16.23 -40.88 7.11
N ALA A 310 17.30 -40.39 7.74
CA ALA A 310 17.19 -39.33 8.73
C ALA A 310 16.62 -38.06 8.11
N GLU A 311 17.05 -37.77 6.89
CA GLU A 311 16.53 -36.61 6.17
C GLU A 311 15.06 -36.76 5.83
N LEU A 312 14.73 -37.89 5.20
CA LEU A 312 13.37 -38.22 4.80
C LEU A 312 12.41 -38.22 5.99
N GLU A 313 12.86 -38.74 7.12
CA GLU A 313 12.02 -38.75 8.30
C GLU A 313 11.72 -37.33 8.77
N ARG A 314 12.73 -36.47 8.73
CA ARG A 314 12.54 -35.07 9.11
C ARG A 314 11.54 -34.33 8.23
N ARG A 315 11.71 -34.47 6.92
CA ARG A 315 10.84 -33.79 5.98
C ARG A 315 9.42 -34.35 6.11
N LYS A 316 9.27 -35.65 6.38
CA LYS A 316 7.94 -36.19 6.57
C LYS A 316 7.22 -35.59 7.81
N GLN A 317 7.92 -35.50 8.93
CA GLN A 317 7.32 -34.92 10.14
C GLN A 317 6.93 -33.46 9.94
N GLU A 318 7.78 -32.73 9.24
CA GLU A 318 7.53 -31.33 8.97
C GLU A 318 6.31 -31.22 8.09
N ALA A 319 6.15 -32.16 7.16
CA ALA A 319 5.00 -32.17 6.29
C ALA A 319 3.75 -32.48 7.10
N GLN A 320 3.91 -33.34 8.12
CA GLN A 320 2.78 -33.73 8.97
C GLN A 320 2.40 -32.65 9.98
N ASP A 321 3.41 -31.97 10.52
CA ASP A 321 3.19 -30.86 11.45
C ASP A 321 2.56 -29.67 10.73
N ALA A 322 2.68 -29.66 9.40
CA ALA A 322 2.13 -28.60 8.57
C ALA A 322 0.61 -28.71 8.49
N LEU A 323 0.12 -29.86 8.94
CA LEU A 323 -1.29 -30.22 8.97
C LEU A 323 -1.84 -29.81 10.35
N GLN A 324 -0.96 -29.31 11.22
CA GLN A 324 -1.34 -28.89 12.57
C GLN A 324 -1.91 -27.49 12.65
N GLN A 325 -2.77 -27.35 13.65
CA GLN A 325 -3.46 -26.13 13.97
C GLN A 325 -2.50 -24.97 14.23
N THR A 326 -1.35 -25.39 14.75
CA THR A 326 -0.25 -24.55 15.19
C THR A 326 0.79 -24.24 14.11
N ALA A 327 0.62 -24.86 12.94
CA ALA A 327 1.52 -24.64 11.83
C ALA A 327 1.58 -23.18 11.43
N LEU A 328 2.78 -22.71 11.14
CA LEU A 328 3.00 -21.29 10.90
C LEU A 328 2.18 -20.78 9.74
N TRP A 329 2.11 -21.55 8.66
CA TRP A 329 1.34 -21.10 7.50
C TRP A 329 -0.14 -20.96 7.86
N GLN A 330 -0.64 -21.87 8.70
CA GLN A 330 -2.04 -21.83 9.14
C GLN A 330 -2.27 -20.68 10.13
N GLN A 331 -1.28 -20.40 10.97
CA GLN A 331 -1.37 -19.27 11.90
C GLN A 331 -1.45 -17.95 11.16
N VAL A 332 -0.55 -17.82 10.19
CA VAL A 332 -0.48 -16.65 9.34
C VAL A 332 -1.80 -16.47 8.60
N LEU A 333 -2.34 -17.57 8.12
CA LEU A 333 -3.62 -17.55 7.42
C LEU A 333 -4.76 -17.12 8.34
N SER A 334 -4.90 -17.81 9.47
CA SER A 334 -5.99 -17.55 10.41
C SER A 334 -5.95 -16.14 10.99
N ASP A 335 -4.78 -15.72 11.45
CA ASP A 335 -4.62 -14.39 12.02
C ASP A 335 -4.77 -13.32 10.95
N GLY A 336 -4.31 -13.63 9.74
CA GLY A 336 -4.42 -12.69 8.64
C GLY A 336 -5.86 -12.43 8.22
N ILE A 337 -6.66 -13.49 8.17
CA ILE A 337 -8.07 -13.36 7.82
C ILE A 337 -8.86 -12.60 8.89
N ALA A 338 -8.57 -12.89 10.15
CA ALA A 338 -9.23 -12.22 11.27
C ALA A 338 -8.92 -10.72 11.29
N ASP A 339 -7.65 -10.42 11.06
CA ASP A 339 -7.15 -9.06 10.98
C ASP A 339 -7.73 -8.28 9.84
N LEU A 340 -7.73 -8.92 8.68
CA LEU A 340 -8.20 -8.30 7.45
C LEU A 340 -9.68 -8.00 7.55
N THR A 341 -10.42 -8.91 8.17
CA THR A 341 -11.86 -8.74 8.39
C THR A 341 -12.17 -7.49 9.20
N ALA A 342 -11.43 -7.29 10.28
CA ALA A 342 -11.61 -6.12 11.12
C ALA A 342 -11.18 -4.85 10.40
N ASP A 343 -10.07 -4.92 9.67
CA ASP A 343 -9.52 -3.77 8.98
C ASP A 343 -10.44 -3.32 7.84
N VAL A 344 -11.04 -4.28 7.14
CA VAL A 344 -11.97 -3.99 6.06
C VAL A 344 -13.22 -3.27 6.56
N ASP A 345 -13.73 -3.72 7.70
CA ASP A 345 -14.89 -3.09 8.30
C ASP A 345 -14.54 -1.70 8.78
N HIS A 346 -13.33 -1.56 9.30
CA HIS A 346 -12.84 -0.27 9.77
C HIS A 346 -12.69 0.72 8.59
N ASP A 347 -12.15 0.22 7.46
CA ASP A 347 -11.97 1.04 6.26
C ASP A 347 -13.31 1.56 5.76
N LEU A 348 -14.28 0.66 5.66
CA LEU A 348 -15.61 1.00 5.18
C LEU A 348 -16.25 2.09 6.03
N ARG A 349 -16.25 1.89 7.34
CA ARG A 349 -16.91 2.84 8.23
C ARG A 349 -16.18 4.19 8.27
N HIS A 350 -14.89 4.19 7.96
CA HIS A 350 -14.16 5.43 7.85
C HIS A 350 -14.63 6.20 6.63
N ARG A 351 -14.74 5.49 5.51
CA ARG A 351 -15.23 6.08 4.26
C ARG A 351 -16.66 6.58 4.38
N PHE A 352 -17.51 5.81 5.04
CA PHE A 352 -18.92 6.19 5.21
C PHE A 352 -19.10 7.42 6.09
N ARG A 353 -18.28 7.50 7.14
CA ARG A 353 -18.30 8.61 8.08
C ARG A 353 -17.92 9.90 7.36
N ILE A 354 -16.96 9.81 6.45
CA ILE A 354 -16.57 10.97 5.65
C ILE A 354 -17.76 11.36 4.77
N ILE A 355 -18.40 10.37 4.17
CA ILE A 355 -19.56 10.60 3.31
C ILE A 355 -20.75 11.22 4.06
N ALA A 356 -21.06 10.66 5.22
CA ALA A 356 -22.15 11.15 6.06
C ALA A 356 -21.94 12.59 6.50
N ALA A 357 -20.70 12.92 6.83
CA ALA A 357 -20.35 14.27 7.26
C ALA A 357 -20.57 15.31 6.15
N HIS A 358 -20.20 14.95 4.94
CA HIS A 358 -20.40 15.85 3.80
C HIS A 358 -21.87 16.10 3.52
N THR A 359 -22.64 15.02 3.54
CA THR A 359 -24.08 15.09 3.29
C THR A 359 -24.79 15.93 4.33
N GLU A 360 -24.39 15.79 5.59
CA GLU A 360 -25.01 16.57 6.66
C GLU A 360 -24.73 18.06 6.48
N LYS A 361 -23.55 18.38 5.97
CA LYS A 361 -23.20 19.76 5.67
C LYS A 361 -24.05 20.29 4.51
N VAL A 362 -24.25 19.43 3.50
CA VAL A 362 -25.09 19.76 2.35
C VAL A 362 -26.51 20.07 2.82
N ILE A 363 -27.01 19.20 3.69
CA ILE A 363 -28.34 19.34 4.26
C ILE A 363 -28.47 20.67 5.00
N ASP A 364 -27.51 21.03 5.82
CA ASP A 364 -27.61 22.26 6.54
C ASP A 364 -27.38 23.41 5.63
N GLY A 365 -27.41 23.18 4.35
CA GLY A 365 -27.13 24.28 3.45
C GLY A 365 -28.23 24.62 2.50
N CYS A 366 -29.37 23.99 2.67
CA CYS A 366 -30.51 24.26 1.81
C CYS A 366 -31.76 23.79 2.50
N ASP A 367 -32.83 23.72 1.71
CA ASP A 367 -34.11 23.27 2.19
C ASP A 367 -34.11 21.85 1.75
N PRO A 368 -33.66 20.97 2.60
CA PRO A 368 -33.67 19.55 2.22
C PRO A 368 -34.93 19.13 1.50
N THR A 369 -36.06 19.73 1.86
CA THR A 369 -37.30 19.38 1.20
C THR A 369 -37.36 19.84 -0.29
N LEU A 370 -36.45 20.73 -0.75
CA LEU A 370 -36.44 21.21 -2.16
C LEU A 370 -35.37 20.66 -3.14
N HIS A 371 -34.57 19.76 -2.58
CA HIS A 371 -33.38 19.09 -3.13
C HIS A 371 -33.13 17.63 -2.64
N TRP A 372 -34.18 17.07 -2.09
CA TRP A 372 -34.10 15.77 -1.48
C TRP A 372 -33.79 14.68 -2.51
N ALA A 373 -34.33 14.82 -3.72
CA ALA A 373 -34.07 13.79 -4.72
C ALA A 373 -32.60 13.85 -5.11
N GLU A 374 -32.07 15.05 -5.34
CA GLU A 374 -30.66 15.17 -5.72
C GLU A 374 -29.73 14.78 -4.56
N ILE A 375 -30.09 15.15 -3.32
CA ILE A 375 -29.29 14.79 -2.14
C ILE A 375 -29.24 13.29 -1.92
N GLY A 376 -30.40 12.64 -2.06
CA GLY A 376 -30.48 11.20 -1.93
C GLY A 376 -29.65 10.52 -2.99
N ALA A 377 -29.73 11.02 -4.22
CA ALA A 377 -28.99 10.47 -5.36
C ALA A 377 -27.48 10.55 -5.19
N GLU A 378 -26.99 11.68 -4.70
CA GLU A 378 -25.55 11.86 -4.49
C GLU A 378 -25.06 10.88 -3.42
N LEU A 379 -25.83 10.76 -2.35
CA LEU A 379 -25.49 9.88 -1.23
C LEU A 379 -25.42 8.41 -1.64
N GLU A 380 -26.44 7.95 -2.36
CA GLU A 380 -26.48 6.56 -2.80
C GLU A 380 -25.28 6.26 -3.69
N ASP A 381 -24.93 7.21 -4.55
CA ASP A 381 -23.78 7.05 -5.44
C ASP A 381 -22.47 7.06 -4.68
N ALA A 382 -22.35 7.96 -3.71
CA ALA A 382 -21.14 8.07 -2.90
C ALA A 382 -20.93 6.83 -2.03
N VAL A 383 -22.01 6.35 -1.42
CA VAL A 383 -21.95 5.17 -0.57
C VAL A 383 -21.58 3.93 -1.37
N ALA A 384 -22.23 3.76 -2.50
CA ALA A 384 -21.99 2.60 -3.35
C ALA A 384 -20.56 2.59 -3.89
N THR A 385 -20.06 3.77 -4.22
CA THR A 385 -18.69 3.92 -4.69
C THR A 385 -17.66 3.60 -3.61
N ALA A 386 -17.96 3.99 -2.37
CA ALA A 386 -17.07 3.71 -1.24
C ALA A 386 -17.00 2.21 -1.02
N VAL A 387 -18.15 1.56 -1.15
CA VAL A 387 -18.22 0.10 -1.06
C VAL A 387 -17.31 -0.48 -2.14
N GLY A 388 -17.36 0.10 -3.33
CA GLY A 388 -16.51 -0.34 -4.42
C GLY A 388 -15.03 -0.15 -4.10
N ASP A 389 -14.67 1.02 -3.59
CA ASP A 389 -13.29 1.29 -3.22
C ASP A 389 -12.85 0.39 -2.06
N ASN A 390 -13.74 0.17 -1.10
CA ASN A 390 -13.47 -0.72 0.01
C ASN A 390 -13.24 -2.16 -0.46
N PHE A 391 -14.05 -2.60 -1.42
CA PHE A 391 -13.94 -3.94 -1.97
C PHE A 391 -12.63 -4.15 -2.74
N VAL A 392 -12.23 -3.14 -3.50
CA VAL A 392 -10.97 -3.21 -4.23
C VAL A 392 -9.80 -3.29 -3.26
N TRP A 393 -9.82 -2.44 -2.24
CA TRP A 393 -8.78 -2.44 -1.22
C TRP A 393 -8.72 -3.79 -0.50
N ALA A 394 -9.89 -4.34 -0.19
CA ALA A 394 -9.97 -5.64 0.48
C ALA A 394 -9.42 -6.73 -0.43
N TYR A 395 -9.76 -6.65 -1.71
CA TYR A 395 -9.29 -7.62 -2.69
C TYR A 395 -7.77 -7.59 -2.78
N GLN A 396 -7.20 -6.39 -2.83
CA GLN A 396 -5.75 -6.24 -2.92
C GLN A 396 -5.06 -6.79 -1.68
N ARG A 397 -5.64 -6.54 -0.51
CA ARG A 397 -5.08 -7.03 0.74
C ARG A 397 -5.20 -8.54 0.88
N ALA A 398 -6.30 -9.10 0.36
CA ALA A 398 -6.47 -10.55 0.42
C ALA A 398 -5.45 -11.25 -0.46
N GLU A 399 -5.18 -10.68 -1.62
CA GLU A 399 -4.17 -11.23 -2.52
C GLU A 399 -2.79 -11.16 -1.89
N ALA A 400 -2.50 -10.05 -1.21
CA ALA A 400 -1.21 -9.89 -0.56
C ALA A 400 -1.07 -10.91 0.58
N LEU A 401 -2.15 -11.12 1.31
CA LEU A 401 -2.15 -12.10 2.40
C LEU A 401 -1.97 -13.50 1.84
N ALA A 402 -2.71 -13.81 0.79
CA ALA A 402 -2.64 -15.11 0.13
C ALA A 402 -1.24 -15.37 -0.40
N ALA A 403 -0.60 -14.29 -0.85
CA ALA A 403 0.76 -14.35 -1.36
C ALA A 403 1.75 -14.65 -0.24
N GLU A 404 1.51 -14.06 0.92
CA GLU A 404 2.38 -14.26 2.08
C GLU A 404 2.30 -15.68 2.62
N VAL A 405 1.09 -16.23 2.65
CA VAL A 405 0.90 -17.60 3.11
C VAL A 405 1.59 -18.60 2.19
N ALA A 406 1.57 -18.33 0.88
CA ALA A 406 2.24 -19.19 -0.09
C ALA A 406 3.75 -19.23 0.14
N ARG A 407 4.33 -18.07 0.38
CA ARG A 407 5.77 -17.93 0.64
C ARG A 407 6.12 -18.66 1.94
N THR A 408 5.30 -18.45 2.97
CA THR A 408 5.48 -19.07 4.29
C THR A 408 5.48 -20.60 4.16
N PHE A 409 4.57 -21.12 3.32
CA PHE A 409 4.42 -22.56 3.06
C PHE A 409 5.67 -23.10 2.38
N THR A 410 6.11 -22.31 1.41
CA THR A 410 7.23 -22.59 0.52
C THR A 410 8.47 -22.47 1.38
N GLU A 411 8.51 -21.54 2.30
CA GLU A 411 9.67 -21.37 3.14
C GLU A 411 9.95 -22.55 4.03
N ALA A 412 8.95 -23.35 4.30
CA ALA A 412 9.10 -24.55 5.11
C ALA A 412 9.48 -25.77 4.30
N GLY A 413 9.55 -25.61 2.98
CA GLY A 413 9.95 -26.70 2.13
C GLY A 413 8.83 -27.72 2.09
N LEU A 414 7.60 -27.27 2.36
CA LEU A 414 6.49 -28.22 2.49
C LEU A 414 6.00 -28.68 1.12
N ASP A 415 6.63 -28.18 0.06
CA ASP A 415 6.30 -28.61 -1.29
C ASP A 415 7.52 -29.12 -2.04
N ALA A 416 8.66 -29.20 -1.34
CA ALA A 416 9.90 -29.61 -1.97
C ALA A 416 9.99 -31.14 -2.00
N VAL A 417 10.22 -31.72 -3.17
CA VAL A 417 10.33 -33.16 -3.25
C VAL A 417 11.59 -33.62 -3.97
N GLN A 418 12.66 -32.83 -3.94
CA GLN A 418 13.88 -33.28 -4.57
C GLN A 418 14.62 -34.24 -3.64
N MET A 419 15.43 -35.13 -4.21
CA MET A 419 16.19 -36.10 -3.41
C MET A 419 17.21 -35.42 -2.54
N PRO A 420 17.40 -35.92 -1.30
CA PRO A 420 18.50 -35.14 -0.74
C PRO A 420 19.79 -35.40 -1.53
N GLN A 421 20.68 -34.43 -1.67
CA GLN A 421 21.94 -34.68 -2.39
C GLN A 421 23.00 -35.37 -1.49
N ILE A 422 23.46 -36.58 -1.77
CA ILE A 422 24.48 -37.11 -0.86
C ILE A 422 25.69 -37.71 -1.63
N ASP A 423 26.49 -38.53 -0.95
CA ASP A 423 27.76 -39.14 -1.44
C ASP A 423 28.92 -38.12 -1.29
N TYR A 459 -8.27 -24.11 -7.41
CA TYR A 459 -9.51 -24.49 -6.71
C TYR A 459 -10.54 -25.08 -7.66
N GLY A 460 -10.85 -26.36 -7.47
CA GLY A 460 -11.77 -27.06 -8.34
C GLY A 460 -13.21 -27.03 -7.86
N GLY A 461 -13.43 -26.38 -6.72
CA GLY A 461 -14.76 -26.24 -6.16
C GLY A 461 -15.57 -25.09 -6.73
N VAL A 462 -16.81 -24.95 -6.26
CA VAL A 462 -17.70 -23.88 -6.70
C VAL A 462 -17.27 -22.52 -6.19
N LEU A 463 -17.06 -21.57 -7.11
CA LEU A 463 -16.63 -20.22 -6.75
C LEU A 463 -17.77 -19.42 -6.11
N MET A 464 -17.40 -18.40 -5.35
CA MET A 464 -18.36 -17.64 -4.54
C MET A 464 -18.67 -16.26 -5.11
N PHE A 465 -18.23 -15.98 -6.34
CA PHE A 465 -18.38 -14.65 -6.90
C PHE A 465 -19.85 -14.33 -7.20
N GLY A 466 -20.23 -13.09 -6.90
CA GLY A 466 -21.58 -12.62 -7.13
C GLY A 466 -21.64 -11.11 -7.07
N MET A 467 -22.82 -10.54 -7.22
CA MET A 467 -22.99 -9.09 -7.13
C MET A 467 -22.77 -8.60 -5.71
N LEU A 468 -22.20 -7.41 -5.59
CA LEU A 468 -21.99 -6.75 -4.33
C LEU A 468 -23.31 -6.26 -3.80
N THR A 469 -23.42 -6.01 -2.52
CA THR A 469 -24.70 -5.51 -2.01
C THR A 469 -24.53 -4.37 -1.05
N SER A 470 -25.29 -3.30 -1.22
CA SER A 470 -25.25 -2.22 -0.27
C SER A 470 -26.63 -1.88 0.13
N PHE A 471 -27.27 -1.06 -0.67
CA PHE A 471 -28.60 -0.61 -0.38
C PHE A 471 -29.67 -1.37 -1.10
N ALA A 472 -30.87 -1.29 -0.58
CA ALA A 472 -31.96 -2.07 -1.18
C ALA A 472 -32.11 -1.74 -2.66
N GLY A 473 -31.84 -0.49 -3.02
CA GLY A 473 -31.94 -0.07 -4.41
C GLY A 473 -31.76 1.42 -4.63
N LEU A 474 -31.36 1.79 -5.84
CA LEU A 474 -31.16 3.19 -6.19
C LEU A 474 -32.49 3.92 -6.16
N GLY A 475 -32.52 5.15 -5.64
CA GLY A 475 -33.73 5.96 -5.64
C GLY A 475 -34.76 5.50 -4.62
N MET A 476 -34.33 4.65 -3.70
CA MET A 476 -35.21 4.09 -2.68
C MET A 476 -35.11 4.67 -1.27
N PHE A 477 -34.15 5.55 -1.09
CA PHE A 477 -33.93 6.21 0.15
C PHE A 477 -34.64 7.50 -0.01
N ASN A 478 -35.80 7.60 0.60
CA ASN A 478 -36.62 8.77 0.48
C ASN A 478 -37.54 8.64 1.67
N PRO A 479 -37.00 8.95 2.83
CA PRO A 479 -37.64 8.84 4.13
C PRO A 479 -38.44 10.07 4.51
N LEU A 480 -39.20 9.95 5.59
CA LEU A 480 -40.01 11.03 6.09
C LEU A 480 -39.22 12.30 6.28
N MET A 497 -40.40 28.88 11.68
CA MET A 497 -39.59 28.74 10.48
C MET A 497 -38.21 28.24 10.85
N GLU A 498 -37.56 28.90 11.80
CA GLU A 498 -36.24 28.46 12.22
C GLU A 498 -36.43 27.09 12.77
N ASN A 499 -37.54 26.90 13.42
CA ASN A 499 -37.87 25.59 13.95
C ASN A 499 -38.14 24.56 12.89
N ARG A 500 -38.85 24.91 11.84
CA ARG A 500 -39.14 23.92 10.82
C ARG A 500 -37.86 23.51 10.18
N MET A 501 -37.01 24.47 9.86
CA MET A 501 -35.75 24.18 9.23
C MET A 501 -34.88 23.35 10.11
N LEU A 502 -34.79 23.69 11.37
CA LEU A 502 -33.96 22.92 12.25
C LEU A 502 -34.50 21.53 12.39
N ARG A 503 -35.80 21.37 12.53
CA ARG A 503 -36.33 20.05 12.69
C ARG A 503 -36.07 19.29 11.46
N VAL A 504 -36.37 19.88 10.33
CA VAL A 504 -36.20 19.15 9.11
C VAL A 504 -34.79 18.80 8.81
N ARG A 505 -33.87 19.72 8.95
CA ARG A 505 -32.50 19.44 8.61
C ARG A 505 -31.94 18.39 9.51
N ASN A 506 -32.23 18.48 10.79
CA ASN A 506 -31.72 17.55 11.78
C ASN A 506 -32.25 16.15 11.62
N GLU A 507 -33.50 16.02 11.26
CA GLU A 507 -34.03 14.72 11.03
C GLU A 507 -33.44 14.05 9.82
N ALA A 508 -33.15 14.81 8.78
CA ALA A 508 -32.64 14.20 7.60
C ALA A 508 -31.33 13.59 7.88
N LYS A 509 -30.47 14.32 8.53
CA LYS A 509 -29.17 13.82 8.87
C LYS A 509 -29.26 12.59 9.68
N ALA A 510 -30.16 12.57 10.62
CA ALA A 510 -30.33 11.43 11.49
C ALA A 510 -30.76 10.26 10.70
N ASN A 511 -31.60 10.50 9.72
CA ASN A 511 -32.03 9.47 8.77
C ASN A 511 -30.90 8.99 7.94
N VAL A 512 -30.05 9.92 7.60
CA VAL A 512 -28.86 9.69 6.80
C VAL A 512 -27.87 8.82 7.55
N ARG A 513 -27.61 9.14 8.82
CA ARG A 513 -26.64 8.36 9.58
C ARG A 513 -27.03 6.91 9.83
N LYS A 514 -28.31 6.60 9.99
CA LYS A 514 -28.70 5.20 10.14
C LYS A 514 -28.60 4.47 8.81
N PHE A 515 -29.02 5.17 7.74
CA PHE A 515 -28.94 4.63 6.39
C PHE A 515 -27.49 4.26 6.14
N VAL A 516 -26.59 5.16 6.46
CA VAL A 516 -25.17 4.92 6.26
C VAL A 516 -24.73 3.73 7.13
N ASP A 517 -25.24 3.69 8.37
CA ASP A 517 -24.93 2.63 9.32
C ASP A 517 -25.50 1.28 8.92
N ASP A 518 -26.72 1.28 8.39
CA ASP A 518 -27.38 0.06 7.96
C ASP A 518 -26.62 -0.60 6.83
N VAL A 519 -26.13 0.21 5.90
CA VAL A 519 -25.34 -0.30 4.77
C VAL A 519 -24.02 -0.90 5.25
N ALA A 520 -23.36 -0.22 6.17
CA ALA A 520 -22.09 -0.70 6.74
C ALA A 520 -22.30 -2.08 7.37
N PHE A 521 -23.45 -2.25 7.99
CA PHE A 521 -23.86 -3.49 8.61
C PHE A 521 -24.02 -4.57 7.53
N VAL A 522 -24.74 -4.22 6.47
CA VAL A 522 -25.04 -5.15 5.38
C VAL A 522 -23.79 -5.56 4.62
N VAL A 523 -22.94 -4.59 4.32
CA VAL A 523 -21.70 -4.84 3.58
C VAL A 523 -20.73 -5.68 4.40
N GLY A 524 -20.62 -5.38 5.69
CA GLY A 524 -19.74 -6.12 6.58
C GLY A 524 -19.99 -7.61 6.71
N LYS A 525 -21.25 -8.04 6.71
CA LYS A 525 -21.53 -9.48 6.77
C LYS A 525 -20.98 -10.23 5.55
N GLU A 526 -21.24 -9.72 4.34
CA GLU A 526 -20.74 -10.34 3.12
C GLU A 526 -19.22 -10.30 3.09
N SER A 527 -18.62 -9.22 3.58
CA SER A 527 -17.17 -9.10 3.63
C SER A 527 -16.64 -10.22 4.51
N ARG A 528 -17.29 -10.42 5.66
CA ARG A 528 -16.93 -11.47 6.61
C ARG A 528 -16.98 -12.89 6.05
N ASP A 529 -18.10 -13.21 5.43
CA ASP A 529 -18.32 -14.55 4.87
C ASP A 529 -17.39 -14.76 3.67
N ARG A 530 -17.12 -13.69 2.95
CA ARG A 530 -16.22 -13.74 1.80
CA ARG A 530 -16.20 -13.73 1.81
C ARG A 530 -14.81 -14.11 2.24
N LEU A 531 -14.34 -13.50 3.32
CA LEU A 531 -13.00 -13.79 3.83
C LEU A 531 -12.95 -15.20 4.41
N LYS A 532 -14.05 -15.65 5.01
CA LYS A 532 -14.13 -17.02 5.49
C LYS A 532 -14.04 -18.02 4.34
N GLY A 533 -14.66 -17.67 3.22
CA GLY A 533 -14.63 -18.50 2.04
C GLY A 533 -13.21 -18.61 1.51
N ILE A 534 -12.52 -17.48 1.46
CA ILE A 534 -11.13 -17.44 1.01
C ILE A 534 -10.23 -18.24 1.94
N GLN A 535 -10.46 -18.11 3.24
CA GLN A 535 -9.71 -18.87 4.24
C GLN A 535 -9.86 -20.37 4.03
N ARG A 536 -11.10 -20.79 3.76
CA ARG A 536 -11.39 -22.21 3.53
C ARG A 536 -10.70 -22.75 2.29
N GLN A 537 -10.76 -21.97 1.20
CA GLN A 537 -10.17 -22.40 -0.06
C GLN A 537 -8.65 -22.55 0.01
N LEU A 538 -7.99 -21.61 0.67
CA LEU A 538 -6.53 -21.64 0.80
C LEU A 538 -6.10 -22.77 1.73
N ARG A 539 -6.82 -22.95 2.82
CA ARG A 539 -6.53 -24.00 3.78
C ARG A 539 -6.64 -25.37 3.12
N ASP A 540 -7.74 -25.60 2.41
CA ASP A 540 -7.95 -26.85 1.68
C ASP A 540 -6.80 -27.13 0.71
N HIS A 541 -6.37 -26.08 0.01
CA HIS A 541 -5.31 -26.22 -0.98
C HIS A 541 -4.01 -26.74 -0.39
N TYR A 542 -3.57 -26.13 0.71
CA TYR A 542 -2.27 -26.45 1.29
C TYR A 542 -2.27 -27.71 2.16
N ARG A 543 -3.40 -28.04 2.76
CA ARG A 543 -3.51 -29.29 3.48
C ARG A 543 -3.43 -30.46 2.49
N GLU A 544 -3.96 -30.25 1.29
CA GLU A 544 -3.87 -31.26 0.23
C GLU A 544 -2.43 -31.50 -0.22
N ILE A 545 -1.68 -30.40 -0.37
CA ILE A 545 -0.29 -30.44 -0.77
C ILE A 545 0.53 -31.08 0.34
N ALA A 546 0.22 -30.70 1.58
CA ALA A 546 0.93 -31.22 2.74
C ALA A 546 0.72 -32.71 2.82
N ASN A 547 -0.51 -33.17 2.58
CA ASN A 547 -0.80 -34.60 2.57
C ASN A 547 -0.06 -35.34 1.45
N GLN A 548 0.05 -34.74 0.26
CA GLN A 548 0.76 -35.40 -0.86
C GLN A 548 2.24 -35.51 -0.54
N THR A 549 2.78 -34.42 -0.01
CA THR A 549 4.18 -34.36 0.35
C THR A 549 4.46 -35.34 1.48
N THR A 550 3.59 -35.38 2.47
CA THR A 550 3.71 -36.35 3.55
C THR A 550 3.77 -37.75 2.97
N ARG A 551 2.84 -38.03 2.05
CA ARG A 551 2.74 -39.32 1.39
C ARG A 551 3.99 -39.69 0.59
N SER A 552 4.44 -38.76 -0.25
CA SER A 552 5.59 -38.99 -1.13
C SER A 552 6.85 -39.24 -0.32
N LEU A 553 6.95 -38.56 0.83
CA LEU A 553 8.10 -38.71 1.70
C LEU A 553 8.04 -40.04 2.45
N ASN A 554 6.85 -40.50 2.82
CA ASN A 554 6.74 -41.77 3.54
C ASN A 554 7.03 -42.96 2.60
N GLU A 555 6.62 -42.87 1.33
CA GLU A 555 6.97 -43.91 0.34
C GLU A 555 8.44 -43.96 0.08
N SER A 556 9.04 -42.78 -0.04
CA SER A 556 10.46 -42.73 -0.24
C SER A 556 11.18 -43.34 0.96
N LEU A 557 10.71 -43.07 2.18
CA LEU A 557 11.37 -43.65 3.36
C LEU A 557 11.36 -45.20 3.45
N GLN A 558 10.18 -45.83 3.41
CA GLN A 558 10.06 -47.30 3.38
C GLN A 558 10.73 -47.96 2.16
N ALA A 559 10.68 -47.30 1.00
CA ALA A 559 11.33 -47.87 -0.18
C ALA A 559 12.82 -47.96 0.13
N ALA A 560 13.37 -46.94 0.78
CA ALA A 560 14.80 -46.97 1.14
C ALA A 560 15.07 -48.07 2.18
N ILE A 561 14.11 -48.31 3.08
CA ILE A 561 14.31 -49.34 4.10
C ILE A 561 14.19 -50.73 3.49
N ALA A 562 13.16 -50.94 2.68
CA ALA A 562 12.93 -52.26 2.12
C ALA A 562 14.04 -52.67 1.18
N ALA A 563 14.78 -51.68 0.65
CA ALA A 563 15.88 -51.99 -0.25
C ALA A 563 17.09 -52.50 0.50
N ALA A 564 17.22 -52.08 1.76
CA ALA A 564 18.35 -52.51 2.56
C ALA A 564 18.14 -53.92 3.07
N LYS A 565 16.97 -54.47 2.87
CA LYS A 565 16.77 -55.84 3.28
C LYS A 565 17.01 -56.83 2.16
N VAL A 566 17.10 -56.37 0.92
CA VAL A 566 17.30 -57.30 -0.19
C VAL A 566 18.71 -57.78 -0.18
N GLU A 567 18.94 -58.98 -0.71
CA GLU A 567 20.27 -59.53 -0.80
C GLU A 567 20.89 -59.29 -2.14
N GLU A 568 22.14 -59.68 -2.28
CA GLU A 568 22.97 -59.43 -3.46
C GLU A 568 22.43 -60.01 -4.74
N ALA A 569 21.80 -61.14 -4.65
CA ALA A 569 21.25 -61.79 -5.83
C ALA A 569 20.21 -60.94 -6.52
N GLU A 570 19.36 -60.25 -5.77
CA GLU A 570 18.35 -59.49 -6.45
C GLU A 570 18.36 -58.05 -6.00
N ARG A 571 19.41 -57.36 -6.39
CA ARG A 571 19.59 -55.95 -6.13
C ARG A 571 19.82 -55.36 -7.49
N ASN A 572 20.71 -55.98 -8.23
CA ASN A 572 21.04 -55.53 -9.58
C ASN A 572 19.83 -55.62 -10.46
N THR A 573 19.04 -56.67 -10.33
CA THR A 573 17.85 -56.74 -11.13
C THR A 573 16.93 -55.59 -10.76
N ARG A 574 16.79 -55.34 -9.45
CA ARG A 574 15.96 -54.27 -8.95
C ARG A 574 16.43 -52.91 -9.35
N VAL A 575 17.74 -52.67 -9.31
CA VAL A 575 18.23 -51.37 -9.67
C VAL A 575 17.96 -51.03 -11.10
N LYS A 576 18.26 -51.93 -11.98
CA LYS A 576 18.05 -51.61 -13.38
C LYS A 576 16.65 -51.13 -13.69
N GLU A 577 15.65 -51.71 -13.06
CA GLU A 577 14.32 -51.25 -13.27
C GLU A 577 14.15 -49.97 -12.51
N LEU A 578 15.01 -49.61 -11.57
CA LEU A 578 14.72 -48.36 -10.93
C LEU A 578 15.30 -47.27 -11.78
N GLU A 579 16.34 -47.56 -12.53
CA GLU A 579 16.96 -46.60 -13.40
C GLU A 579 16.17 -46.42 -14.67
N ARG A 580 15.47 -47.46 -15.09
CA ARG A 580 14.62 -47.32 -16.23
C ARG A 580 13.52 -46.38 -15.83
N GLN A 581 12.97 -46.65 -14.66
CA GLN A 581 11.89 -45.87 -14.12
C GLN A 581 12.33 -44.47 -13.89
N GLN A 582 13.52 -44.31 -13.33
CA GLN A 582 14.00 -42.97 -13.04
C GLN A 582 14.20 -42.21 -14.30
N ASN A 583 14.74 -42.85 -15.31
CA ASN A 583 14.96 -42.18 -16.54
C ASN A 583 13.68 -41.74 -17.20
N ILE A 584 12.64 -42.54 -17.12
CA ILE A 584 11.38 -42.18 -17.71
C ILE A 584 10.77 -40.93 -17.12
N LEU A 585 10.77 -40.83 -15.81
CA LEU A 585 10.21 -39.67 -15.16
C LEU A 585 11.03 -38.46 -15.48
N LYS A 586 12.34 -38.61 -15.49
CA LYS A 586 13.20 -37.51 -15.81
C LYS A 586 12.96 -37.04 -17.24
N GLN A 587 12.75 -37.97 -18.16
CA GLN A 587 12.43 -37.63 -19.54
C GLN A 587 11.12 -36.90 -19.56
N VAL A 588 10.17 -37.37 -18.77
CA VAL A 588 8.89 -36.72 -18.69
C VAL A 588 9.09 -35.37 -18.10
N VAL A 589 9.86 -35.29 -17.05
CA VAL A 589 10.02 -34.01 -16.41
C VAL A 589 10.69 -33.02 -17.32
N ASP A 590 11.82 -33.38 -17.88
CA ASP A 590 12.52 -32.43 -18.71
C ASP A 590 11.79 -32.20 -20.00
N HIS A 591 11.21 -33.27 -20.51
CA HIS A 591 10.46 -33.24 -21.75
C HIS A 591 9.29 -32.30 -21.67
N ALA A 592 8.59 -32.26 -20.53
CA ALA A 592 7.49 -31.33 -20.45
C ALA A 592 7.80 -30.06 -19.73
N ALA A 593 8.95 -29.96 -19.10
CA ALA A 593 9.22 -28.72 -18.38
C ALA A 593 9.29 -27.55 -19.29
N LYS A 594 9.88 -27.70 -20.46
CA LYS A 594 9.99 -26.54 -21.33
C LYS A 594 8.83 -26.21 -22.29
N LEU A 595 7.76 -26.98 -22.29
CA LEU A 595 6.63 -26.62 -23.12
C LEU A 595 5.94 -25.59 -22.27
N ALA A 596 6.74 -24.64 -21.84
CA ALA A 596 6.32 -23.58 -20.92
C ALA A 596 5.53 -22.52 -21.66
N VAL B 3 14.71 41.00 -0.21
CA VAL B 3 13.61 41.43 -1.05
C VAL B 3 12.36 40.64 -0.71
N ILE B 4 12.55 39.43 -0.20
CA ILE B 4 11.46 38.62 0.30
C ILE B 4 11.00 39.28 1.56
N VAL B 5 11.94 39.76 2.34
CA VAL B 5 11.69 40.49 3.56
C VAL B 5 11.07 41.87 3.37
N GLU B 6 11.08 42.43 2.15
CA GLU B 6 10.40 43.68 1.88
C GLU B 6 8.93 43.43 2.15
N LEU B 7 8.40 42.32 1.63
CA LEU B 7 7.04 41.87 1.81
C LEU B 7 6.68 41.41 3.19
N ILE B 8 7.58 40.68 3.80
CA ILE B 8 7.31 40.12 5.11
C ILE B 8 7.15 41.20 6.13
N ASP B 9 8.00 42.21 6.04
CA ASP B 9 7.95 43.31 6.95
C ASP B 9 6.83 44.25 6.64
N HIS B 10 6.56 44.46 5.39
CA HIS B 10 5.47 45.33 5.03
C HIS B 10 4.17 44.73 5.47
N THR B 11 3.95 43.49 5.09
CA THR B 11 2.73 42.77 5.43
C THR B 11 2.49 42.66 6.89
N SER B 12 3.54 42.44 7.67
CA SER B 12 3.41 42.32 9.10
C SER B 12 3.23 43.63 9.83
N ALA B 13 3.43 44.74 9.14
CA ALA B 13 3.22 46.05 9.66
C ALA B 13 1.78 46.39 9.40
N ILE B 14 1.23 45.89 8.32
CA ILE B 14 -0.17 46.12 8.04
C ILE B 14 -0.91 45.26 8.99
N ALA B 15 -0.38 44.09 9.30
CA ALA B 15 -1.01 43.20 10.26
C ALA B 15 -0.98 43.75 11.69
N ALA B 16 0.15 44.33 12.07
CA ALA B 16 0.33 44.92 13.40
C ALA B 16 -0.62 46.09 13.64
N ALA B 17 -0.85 46.87 12.58
CA ALA B 17 -1.73 48.02 12.65
C ALA B 17 -3.18 47.57 12.82
N LYS B 18 -3.49 46.38 12.32
CA LYS B 18 -4.84 45.86 12.40
C LYS B 18 -5.01 44.96 13.62
N ASP B 19 -4.04 45.05 14.53
CA ASP B 19 -4.07 44.32 15.81
C ASP B 19 -4.10 42.80 15.60
N ARG B 20 -3.65 42.34 14.43
CA ARG B 20 -3.58 40.92 14.14
C ARG B 20 -2.25 40.34 14.61
N ALA B 21 -2.14 40.15 15.92
CA ALA B 21 -0.92 39.62 16.53
C ALA B 21 -0.62 38.19 16.07
N ASP B 22 -1.67 37.44 15.77
CA ASP B 22 -1.54 36.08 15.30
C ASP B 22 -0.84 36.02 13.95
N LEU B 23 -1.19 36.96 13.07
CA LEU B 23 -0.58 37.07 11.75
C LEU B 23 0.87 37.55 11.87
N VAL B 24 1.10 38.46 12.81
CA VAL B 24 2.42 39.00 13.08
C VAL B 24 3.39 37.88 13.47
N GLU B 25 2.95 37.02 14.38
CA GLU B 25 3.75 35.90 14.84
C GLU B 25 4.01 34.90 13.71
N ARG B 26 3.00 34.66 12.89
CA ARG B 26 3.14 33.75 11.75
C ARG B 26 4.19 34.22 10.75
N LEU B 27 4.23 35.52 10.49
CA LEU B 27 5.21 36.09 9.56
C LEU B 27 6.61 36.13 10.17
N ARG B 28 6.67 36.22 11.50
CA ARG B 28 7.95 36.19 12.22
C ARG B 28 8.62 34.83 12.09
N ALA B 29 7.81 33.78 12.21
CA ALA B 29 8.27 32.41 12.09
C ALA B 29 8.73 32.18 10.65
N ALA B 30 7.96 32.71 9.71
CA ALA B 30 8.30 32.57 8.31
C ALA B 30 9.66 33.25 8.11
N LYS B 31 9.82 34.43 8.69
CA LYS B 31 11.05 35.19 8.59
C LYS B 31 12.22 34.46 9.25
N ALA B 32 11.99 33.82 10.40
CA ALA B 32 13.04 33.05 11.07
C ALA B 32 13.50 31.88 10.19
N ARG B 33 12.58 31.30 9.42
CA ARG B 33 12.86 30.16 8.56
C ARG B 33 13.80 30.55 7.42
N ILE B 34 13.69 31.75 6.87
CA ILE B 34 14.53 32.05 5.72
C ILE B 34 15.94 32.40 6.25
N SER B 35 16.04 32.63 7.56
CA SER B 35 17.33 32.89 8.15
C SER B 35 18.09 31.63 8.61
N ASP B 36 17.38 30.76 9.32
CA ASP B 36 17.92 29.50 9.83
C ASP B 36 17.13 28.31 9.26
N PRO B 37 17.39 27.94 8.00
CA PRO B 37 16.56 26.92 7.32
C PRO B 37 16.72 25.51 7.90
N GLN B 38 17.88 25.24 8.48
CA GLN B 38 18.23 23.95 9.05
C GLN B 38 18.04 22.83 8.00
N ILE B 39 18.85 22.88 6.94
CA ILE B 39 18.79 21.84 5.91
C ILE B 39 19.66 20.67 6.34
N ARG B 40 19.02 19.66 6.90
CA ARG B 40 19.72 18.58 7.59
C ARG B 40 20.25 17.51 6.65
N VAL B 41 21.55 17.22 6.74
CA VAL B 41 22.16 16.15 5.97
C VAL B 41 22.69 15.05 6.89
N VAL B 42 22.07 13.87 6.83
CA VAL B 42 22.48 12.79 7.71
C VAL B 42 23.68 12.02 7.13
N ILE B 43 24.74 11.94 7.91
CA ILE B 43 25.93 11.17 7.51
C ILE B 43 25.88 9.76 8.09
N ALA B 44 25.41 8.81 7.29
CA ALA B 44 25.19 7.46 7.77
C ALA B 44 26.28 6.47 7.32
N GLY B 45 26.21 5.25 7.87
CA GLY B 45 27.15 4.20 7.57
C GLY B 45 27.58 3.40 8.78
N GLN B 46 28.18 2.23 8.54
CA GLN B 46 28.66 1.36 9.61
C GLN B 46 29.93 1.87 10.28
N LEU B 47 30.37 1.17 11.32
CA LEU B 47 31.56 1.57 12.07
C LEU B 47 32.82 1.56 11.20
N LYS B 48 33.73 2.49 11.51
CA LYS B 48 35.06 2.51 10.89
C LYS B 48 35.02 2.72 9.38
N GLN B 49 33.93 3.31 8.89
CA GLN B 49 33.78 3.56 7.46
C GLN B 49 34.45 4.86 7.06
N GLY B 50 34.79 5.65 8.07
CA GLY B 50 35.49 6.90 7.87
C GLY B 50 34.52 8.07 8.01
N LYS B 51 33.46 7.88 8.78
CA LYS B 51 32.43 8.91 8.93
C LYS B 51 32.89 10.19 9.62
N SER B 52 33.39 9.97 10.83
CA SER B 52 33.80 11.03 11.67
C SER B 52 34.90 11.76 11.00
N GLN B 53 35.84 11.06 10.41
CA GLN B 53 36.91 11.75 9.76
C GLN B 53 36.45 12.53 8.58
N LEU B 54 35.53 11.97 7.83
CA LEU B 54 35.05 12.68 6.69
C LEU B 54 34.38 13.96 7.09
N LEU B 55 33.56 13.91 8.11
CA LEU B 55 32.87 15.10 8.49
C LEU B 55 33.80 16.16 8.97
N ASN B 56 34.77 15.79 9.77
CA ASN B 56 35.72 16.73 10.30
C ASN B 56 36.52 17.37 9.21
N SER B 57 36.93 16.58 8.25
CA SER B 57 37.68 17.07 7.12
C SER B 57 36.85 18.00 6.28
N LEU B 58 35.57 17.72 6.11
CA LEU B 58 34.74 18.58 5.33
C LEU B 58 34.59 19.96 5.91
N LEU B 59 34.37 20.07 7.20
CA LEU B 59 34.22 21.39 7.83
C LEU B 59 35.53 21.94 8.30
N ASN B 60 36.51 21.10 8.31
CA ASN B 60 37.84 21.47 8.81
C ASN B 60 37.93 21.75 10.30
N ILE B 61 36.83 21.62 11.03
CA ILE B 61 36.94 21.86 12.43
C ILE B 61 36.68 20.53 13.01
N PRO B 62 37.66 19.99 13.71
CA PRO B 62 37.42 18.65 14.23
C PRO B 62 36.41 18.53 15.36
N VAL B 63 35.14 18.63 15.04
CA VAL B 63 34.08 18.45 16.05
C VAL B 63 33.79 16.97 16.34
N ALA B 64 33.87 16.11 15.33
CA ALA B 64 33.61 14.69 15.54
C ALA B 64 34.83 14.05 16.20
N ARG B 65 34.69 13.45 17.40
CA ARG B 65 35.80 12.70 17.99
C ARG B 65 36.17 11.56 17.01
N VAL B 66 37.47 11.54 16.67
CA VAL B 66 38.10 10.62 15.69
C VAL B 66 38.88 9.43 16.23
N SER B 71 33.23 5.60 18.51
CA SER B 71 33.74 6.85 19.01
C SER B 71 32.64 7.77 19.36
N THR B 72 31.76 7.67 18.38
CA THR B 72 30.52 8.34 18.25
C THR B 72 29.47 7.57 19.03
N VAL B 73 28.85 8.12 20.06
CA VAL B 73 27.88 7.26 20.76
C VAL B 73 26.51 7.90 20.72
N LEU B 74 26.38 9.10 20.14
CA LEU B 74 25.10 9.80 20.14
C LEU B 74 24.96 10.65 18.87
N ALA B 75 23.79 10.60 18.22
CA ALA B 75 23.56 11.40 17.02
C ALA B 75 23.81 12.87 17.34
N THR B 76 24.66 13.49 16.52
CA THR B 76 25.12 14.85 16.75
C THR B 76 24.88 15.75 15.55
N VAL B 77 24.11 16.80 15.77
CA VAL B 77 23.78 17.77 14.73
C VAL B 77 24.72 18.96 14.80
N VAL B 78 25.35 19.26 13.68
CA VAL B 78 26.26 20.39 13.59
C VAL B 78 25.69 21.45 12.65
N SER B 79 25.46 22.66 13.16
CA SER B 79 24.96 23.71 12.30
C SER B 79 25.73 25.02 12.45
N TYR B 80 25.52 26.03 11.66
CA TYR B 80 26.30 27.20 11.99
C TYR B 80 26.05 27.84 13.34
N GLY B 81 27.11 28.17 14.05
CA GLY B 81 27.04 29.11 15.15
C GLY B 81 28.31 29.95 15.19
N GLU B 82 28.14 31.24 15.44
CA GLU B 82 29.25 32.18 15.48
C GLU B 82 30.25 31.77 16.52
N GLN B 83 29.79 30.97 17.47
CA GLN B 83 30.62 30.54 18.55
C GLN B 83 30.11 29.24 19.12
N ALA B 84 30.90 28.64 19.99
CA ALA B 84 30.52 27.39 20.58
C ALA B 84 29.28 27.59 21.34
N SER B 85 28.40 26.60 21.25
CA SER B 85 27.12 26.56 21.93
C SER B 85 26.50 25.24 21.66
N ALA B 86 26.34 24.39 22.66
CA ALA B 86 25.71 23.06 22.46
C ALA B 86 24.41 22.85 23.23
N ARG B 87 23.45 22.13 22.68
CA ARG B 87 22.24 21.82 23.43
C ARG B 87 21.89 20.36 23.24
N LEU B 88 21.42 19.72 24.29
CA LEU B 88 20.91 18.36 24.21
C LEU B 88 19.46 18.32 23.74
N VAL B 89 19.07 17.33 22.96
CA VAL B 89 17.64 17.15 22.69
C VAL B 89 17.12 15.92 23.44
N VAL B 90 16.43 16.17 24.55
CA VAL B 90 16.04 15.11 25.46
C VAL B 90 14.52 14.85 25.40
N ALA B 91 14.13 13.58 25.28
CA ALA B 91 12.73 13.19 25.07
C ALA B 91 11.83 13.44 26.29
N ARG B 92 10.56 13.72 26.03
CA ARG B 92 9.52 13.79 27.07
C ARG B 92 8.45 12.70 26.91
N PRO B 93 7.75 12.32 28.01
CA PRO B 93 6.76 11.23 27.94
C PRO B 93 5.54 11.51 27.06
N ASP B 94 4.94 10.44 26.50
CA ASP B 94 3.64 10.48 25.77
C ASP B 94 3.69 11.44 24.61
N GLY B 95 4.80 11.43 23.87
CA GLY B 95 4.93 12.22 22.67
C GLY B 95 4.98 13.73 22.85
N ALA B 96 5.23 14.20 24.07
CA ALA B 96 5.37 15.63 24.29
C ALA B 96 6.64 16.15 23.62
N GLU B 97 6.67 17.46 23.39
CA GLU B 97 7.80 18.13 22.75
C GLU B 97 9.07 17.95 23.58
N PRO B 98 10.17 17.55 22.96
CA PRO B 98 11.36 17.29 23.76
C PRO B 98 11.93 18.54 24.34
N GLU B 99 12.93 18.38 25.19
CA GLU B 99 13.56 19.44 25.93
C GLU B 99 14.88 19.87 25.38
N LEU B 100 15.11 21.16 25.25
CA LEU B 100 16.41 21.58 24.82
C LEU B 100 17.17 21.99 26.08
N ILE B 101 18.38 21.47 26.27
CA ILE B 101 19.12 21.76 27.49
C ILE B 101 20.50 22.29 27.16
N GLU B 102 20.78 23.55 27.46
CA GLU B 102 22.09 24.09 27.17
C GLU B 102 23.15 23.36 27.94
N ILE B 103 24.27 23.08 27.32
CA ILE B 103 25.28 22.54 28.16
C ILE B 103 26.63 23.03 27.76
N PRO B 104 27.60 22.87 28.65
CA PRO B 104 28.90 23.37 28.29
C PRO B 104 29.37 22.50 27.20
N PRO B 105 29.91 23.09 26.14
CA PRO B 105 30.47 22.43 24.96
C PRO B 105 31.62 21.49 25.34
N SER B 106 32.39 21.89 26.33
CA SER B 106 33.48 21.13 26.86
C SER B 106 33.00 19.74 27.14
N GLU B 107 31.83 19.53 27.70
CA GLU B 107 31.51 18.17 28.09
C GLU B 107 30.86 17.29 27.08
N VAL B 108 31.00 17.66 25.83
CA VAL B 108 30.39 16.94 24.74
C VAL B 108 30.88 15.53 24.59
N THR B 109 32.17 15.30 24.86
CA THR B 109 32.71 13.96 24.68
C THR B 109 32.18 12.82 25.55
N THR B 110 32.08 13.08 26.84
CA THR B 110 31.61 12.12 27.79
C THR B 110 30.34 11.53 27.23
N ASP B 111 30.20 10.24 27.25
CA ASP B 111 29.05 9.71 26.63
C ASP B 111 28.00 10.59 27.24
N LEU B 112 27.23 11.27 26.41
CA LEU B 112 26.16 12.16 26.83
C LEU B 112 24.85 11.48 26.78
N ARG B 113 24.83 10.20 26.43
CA ARG B 113 23.59 9.43 26.39
C ARG B 113 23.06 9.12 27.78
N ARG B 114 23.91 9.20 28.80
CA ARG B 114 23.58 9.06 30.19
C ARG B 114 24.16 10.31 30.83
N ALA B 115 23.52 11.46 30.64
CA ALA B 115 23.96 12.64 31.23
C ALA B 115 23.29 12.75 32.56
N PRO B 116 23.95 13.46 33.46
CA PRO B 116 23.29 13.71 34.71
C PRO B 116 22.23 14.70 34.28
N GLN B 117 22.63 15.76 33.56
CA GLN B 117 21.76 16.81 33.04
C GLN B 117 20.41 16.36 32.47
N ALA B 118 20.47 15.23 31.81
CA ALA B 118 19.36 14.60 31.14
C ALA B 118 18.40 13.99 32.08
N SER B 119 18.79 13.88 33.33
CA SER B 119 17.89 13.30 34.31
C SER B 119 17.45 11.85 34.12
N GLY B 120 18.25 11.00 33.49
CA GLY B 120 17.89 9.61 33.34
C GLY B 120 16.93 9.19 32.24
N ARG B 121 16.62 10.10 31.34
CA ARG B 121 15.70 9.85 30.22
C ARG B 121 16.43 9.77 28.92
N GLN B 122 15.78 9.21 27.92
CA GLN B 122 16.42 9.08 26.64
C GLN B 122 16.82 10.40 26.06
N VAL B 123 18.01 10.44 25.48
CA VAL B 123 18.54 11.61 24.84
C VAL B 123 18.43 11.25 23.41
N LEU B 124 17.75 12.06 22.64
CA LEU B 124 17.49 11.75 21.24
C LEU B 124 18.67 12.11 20.33
N ARG B 125 19.32 13.24 20.63
CA ARG B 125 20.42 13.71 19.79
C ARG B 125 21.18 14.86 20.43
N VAL B 126 22.24 15.31 19.75
CA VAL B 126 22.98 16.50 20.18
C VAL B 126 23.07 17.56 19.09
N GLU B 127 22.89 18.82 19.46
CA GLU B 127 22.99 19.91 18.50
C GLU B 127 24.11 20.86 18.89
N VAL B 128 25.14 20.93 18.06
CA VAL B 128 26.32 21.72 18.35
C VAL B 128 26.51 22.71 17.22
N THR B 129 27.23 23.79 17.49
CA THR B 129 27.47 24.79 16.45
C THR B 129 28.90 24.79 15.98
N ALA B 130 29.14 25.36 14.81
CA ALA B 130 30.49 25.47 14.25
C ALA B 130 30.57 26.63 13.27
N PRO B 131 31.70 27.35 13.24
CA PRO B 131 31.74 28.53 12.35
C PRO B 131 32.34 28.26 10.97
N SER B 132 31.66 27.41 10.22
CA SER B 132 32.12 26.98 8.91
C SER B 132 31.31 27.62 7.79
N PRO B 133 31.98 28.29 6.85
CA PRO B 133 31.29 28.96 5.73
C PRO B 133 30.39 27.99 4.97
N LEU B 134 30.68 26.70 5.09
CA LEU B 134 29.90 25.64 4.46
C LEU B 134 28.49 25.57 5.03
N LEU B 135 28.37 25.91 6.31
CA LEU B 135 27.11 25.78 7.01
C LEU B 135 26.28 27.05 6.89
N LYS B 136 26.91 28.13 6.41
CA LYS B 136 26.22 29.40 6.22
C LYS B 136 24.89 29.29 5.45
N GLY B 137 24.86 28.45 4.42
CA GLY B 137 23.69 28.32 3.56
C GLY B 137 22.52 27.68 4.28
N GLY B 138 22.84 26.96 5.35
CA GLY B 138 21.81 26.32 6.16
C GLY B 138 21.96 24.82 6.26
N LEU B 139 23.04 24.26 5.72
CA LEU B 139 23.25 22.83 5.89
C LEU B 139 23.63 22.51 7.32
N ALA B 140 23.02 21.44 7.80
CA ALA B 140 23.27 20.90 9.12
C ALA B 140 23.55 19.42 8.93
N PHE B 141 24.66 18.96 9.49
CA PHE B 141 25.07 17.58 9.30
C PHE B 141 24.74 16.81 10.56
N VAL B 142 24.19 15.62 10.37
CA VAL B 142 23.85 14.76 11.48
C VAL B 142 24.83 13.60 11.50
N ASP B 143 25.81 13.70 12.37
CA ASP B 143 26.74 12.62 12.60
C ASP B 143 26.00 11.52 13.35
N THR B 144 26.24 10.27 12.95
CA THR B 144 25.54 9.12 13.49
C THR B 144 26.50 8.29 14.33
N PRO B 145 25.98 7.62 15.37
CA PRO B 145 26.85 6.83 16.23
C PRO B 145 27.41 5.59 15.54
N GLY B 146 28.43 5.00 16.15
CA GLY B 146 29.02 3.78 15.62
C GLY B 146 27.99 2.68 15.65
N VAL B 147 27.76 2.10 14.47
CA VAL B 147 26.81 1.00 14.34
C VAL B 147 27.36 -0.19 13.56
N GLY B 148 26.77 -1.34 13.81
CA GLY B 148 27.12 -2.57 13.12
C GLY B 148 28.11 -3.41 13.92
N GLY B 149 28.60 -2.86 15.02
CA GLY B 149 29.55 -3.55 15.87
C GLY B 149 28.98 -4.05 17.18
N HIS B 150 29.80 -4.79 17.92
CA HIS B 150 29.40 -5.35 19.21
C HIS B 150 29.06 -4.25 20.22
N GLY B 151 27.87 -4.35 20.79
CA GLY B 151 27.42 -3.40 21.79
C GLY B 151 26.84 -2.14 21.18
N GLN B 152 26.83 -2.09 19.85
CA GLN B 152 26.34 -0.93 19.13
C GLN B 152 24.95 -1.16 18.54
N PRO B 153 24.25 -0.08 18.18
CA PRO B 153 23.01 -0.26 17.43
C PRO B 153 23.24 -0.86 16.05
N HIS B 154 22.20 -1.44 15.46
CA HIS B 154 22.27 -1.96 14.10
C HIS B 154 22.21 -0.79 13.12
N LEU B 155 22.71 -0.98 11.91
CA LEU B 155 22.75 0.10 10.91
C LEU B 155 21.35 0.67 10.59
N SER B 156 20.32 -0.16 10.75
CA SER B 156 18.94 0.23 10.45
C SER B 156 18.36 1.26 11.43
N ALA B 157 19.02 1.43 12.57
CA ALA B 157 18.60 2.41 13.58
C ALA B 157 18.74 3.85 13.08
N THR B 158 19.57 4.03 12.06
CA THR B 158 19.81 5.35 11.48
C THR B 158 18.58 5.90 10.75
N LEU B 159 17.66 5.00 10.38
CA LEU B 159 16.45 5.39 9.68
C LEU B 159 15.60 6.41 10.45
N GLY B 160 15.71 6.40 11.78
CA GLY B 160 14.95 7.30 12.62
C GLY B 160 15.33 8.76 12.45
N LEU B 161 16.44 9.00 11.77
CA LEU B 161 16.94 10.36 11.55
C LEU B 161 16.47 10.92 10.21
N LEU B 162 15.93 10.04 9.37
CA LEU B 162 15.67 10.38 7.98
C LEU B 162 14.34 11.09 7.68
N PRO B 163 13.24 10.77 8.40
CA PRO B 163 12.01 11.51 8.11
C PRO B 163 12.17 13.03 8.22
N ASP B 164 13.04 13.48 9.11
CA ASP B 164 13.27 14.91 9.29
C ASP B 164 14.52 15.38 8.56
N ALA B 165 15.10 14.51 7.74
CA ALA B 165 16.31 14.87 7.01
C ALA B 165 15.98 15.23 5.55
N ASP B 166 16.83 16.04 4.95
CA ASP B 166 16.66 16.44 3.56
C ASP B 166 17.58 15.66 2.62
N ALA B 167 18.65 15.10 3.17
CA ALA B 167 19.62 14.34 2.38
C ALA B 167 20.37 13.34 3.23
N MET B 168 20.94 12.33 2.58
CA MET B 168 21.76 11.34 3.29
C MET B 168 23.06 11.08 2.55
N LEU B 169 24.17 11.08 3.29
CA LEU B 169 25.43 10.59 2.76
C LEU B 169 25.76 9.22 3.35
N MET B 170 25.77 8.21 2.48
CA MET B 170 26.05 6.84 2.89
C MET B 170 27.55 6.55 2.78
N ILE B 171 28.18 6.36 3.93
CA ILE B 171 29.62 6.20 3.99
C ILE B 171 29.89 4.69 3.97
N SER B 172 30.71 4.28 3.02
CA SER B 172 31.14 2.89 2.88
C SER B 172 32.55 2.78 2.37
N ASP B 173 33.40 2.11 3.14
CA ASP B 173 34.80 2.03 2.78
C ASP B 173 35.15 1.14 1.59
N THR B 174 36.35 1.34 1.06
CA THR B 174 36.72 0.65 -0.17
C THR B 174 37.51 -0.58 0.23
N SER B 175 37.23 -1.09 1.42
CA SER B 175 37.86 -2.31 1.90
C SER B 175 37.18 -3.51 1.31
N GLN B 176 35.88 -3.35 1.05
CA GLN B 176 35.07 -4.40 0.47
C GLN B 176 33.84 -3.80 -0.18
N GLU B 177 33.17 -4.64 -0.96
CA GLU B 177 31.94 -4.24 -1.63
C GLU B 177 30.88 -4.09 -0.54
N PHE B 178 29.68 -3.62 -0.91
CA PHE B 178 28.56 -3.53 0.01
C PHE B 178 28.29 -4.87 0.64
N THR B 179 28.07 -4.88 1.95
CA THR B 179 27.56 -6.07 2.57
C THR B 179 26.07 -6.09 2.36
N GLU B 180 25.44 -7.23 2.57
CA GLU B 180 23.99 -7.32 2.43
C GLU B 180 23.20 -6.43 3.40
N PRO B 181 23.65 -6.32 4.66
CA PRO B 181 22.96 -5.35 5.53
C PRO B 181 23.04 -3.92 4.97
N GLU B 182 24.17 -3.57 4.36
CA GLU B 182 24.33 -2.25 3.76
C GLU B 182 23.34 -2.03 2.62
N MET B 183 23.18 -3.03 1.75
CA MET B 183 22.23 -2.90 0.63
C MET B 183 20.78 -2.73 1.05
N LYS B 184 20.31 -3.51 2.00
CA LYS B 184 18.92 -3.40 2.45
C LYS B 184 18.65 -2.05 3.11
N PHE B 185 19.61 -1.58 3.90
CA PHE B 185 19.44 -0.30 4.57
C PHE B 185 19.34 0.80 3.55
N ILE B 186 20.16 0.71 2.50
CA ILE B 186 20.12 1.71 1.46
C ILE B 186 18.72 1.67 0.83
N ARG B 187 18.18 0.49 0.52
CA ARG B 187 16.84 0.41 -0.01
C ARG B 187 15.80 1.00 0.96
N GLN B 188 15.91 0.71 2.25
CA GLN B 188 14.96 1.24 3.26
C GLN B 188 15.07 2.77 3.32
N ALA B 189 16.29 3.28 3.29
CA ALA B 189 16.54 4.71 3.43
C ALA B 189 15.96 5.54 2.27
N LEU B 190 16.03 5.00 1.07
CA LEU B 190 15.55 5.69 -0.12
C LEU B 190 14.03 5.85 -0.11
N GLU B 191 13.35 4.98 0.63
CA GLU B 191 11.90 5.05 0.75
C GLU B 191 11.47 6.29 1.54
N ILE B 192 12.33 6.74 2.45
CA ILE B 192 12.01 7.89 3.31
C ILE B 192 12.72 9.16 2.87
N CYS B 193 13.96 9.01 2.42
CA CYS B 193 14.82 10.12 2.05
C CYS B 193 15.49 9.85 0.70
N PRO B 194 14.81 10.23 -0.40
CA PRO B 194 15.24 9.93 -1.77
C PRO B 194 16.57 10.57 -2.20
N VAL B 195 16.85 11.80 -1.74
CA VAL B 195 18.11 12.47 -2.08
C VAL B 195 19.29 11.93 -1.28
N ALA B 196 20.14 11.14 -1.93
CA ALA B 196 21.26 10.51 -1.24
C ALA B 196 22.43 10.22 -2.17
N ALA B 197 23.62 10.07 -1.59
CA ALA B 197 24.81 9.70 -2.35
C ALA B 197 25.70 8.78 -1.53
N ILE B 198 26.35 7.84 -2.20
CA ILE B 198 27.35 6.99 -1.56
C ILE B 198 28.72 7.66 -1.61
N VAL B 199 29.37 7.77 -0.45
CA VAL B 199 30.74 8.24 -0.42
C VAL B 199 31.68 7.06 -0.16
N ALA B 200 32.44 6.69 -1.18
CA ALA B 200 33.41 5.61 -1.06
C ALA B 200 34.72 6.12 -0.49
N THR B 201 34.94 5.91 0.81
CA THR B 201 36.05 6.54 1.49
C THR B 201 37.31 5.68 1.46
N LYS B 202 38.43 6.28 1.86
CA LYS B 202 39.70 5.59 2.03
C LYS B 202 40.24 5.04 0.71
N THR B 203 40.08 5.79 -0.36
CA THR B 203 40.61 5.37 -1.66
C THR B 203 42.13 5.40 -1.61
N ASP B 204 42.65 6.22 -0.71
CA ASP B 204 44.09 6.35 -0.49
C ASP B 204 44.71 5.14 0.19
N LEU B 205 43.87 4.33 0.83
CA LEU B 205 44.33 3.20 1.62
C LEU B 205 44.26 1.87 0.85
N TYR B 206 43.30 1.79 -0.06
CA TYR B 206 43.04 0.56 -0.83
C TYR B 206 43.27 0.76 -2.32
N PRO B 207 44.37 0.17 -2.84
CA PRO B 207 44.79 0.32 -4.24
C PRO B 207 43.76 -0.11 -5.28
N HIS B 208 42.90 -1.07 -4.93
CA HIS B 208 41.89 -1.55 -5.88
C HIS B 208 40.53 -0.92 -5.61
N TRP B 209 40.52 0.29 -5.07
CA TRP B 209 39.28 0.93 -4.66
C TRP B 209 38.31 1.20 -5.78
N ARG B 210 38.91 1.43 -6.95
CA ARG B 210 38.32 1.73 -8.26
C ARG B 210 37.44 0.61 -8.74
N GLN B 211 37.90 -0.57 -8.46
CA GLN B 211 37.23 -1.83 -8.75
C GLN B 211 36.03 -2.10 -7.84
N ILE B 212 36.20 -1.83 -6.56
CA ILE B 212 35.15 -2.02 -5.57
C ILE B 212 34.01 -1.05 -5.87
N VAL B 213 34.36 0.19 -6.21
CA VAL B 213 33.37 1.21 -6.53
C VAL B 213 32.52 0.78 -7.73
N ASP B 214 33.20 0.33 -8.79
CA ASP B 214 32.52 -0.08 -10.01
C ASP B 214 31.68 -1.33 -9.78
N ALA B 215 32.16 -2.21 -8.91
CA ALA B 215 31.41 -3.40 -8.53
C ALA B 215 30.16 -3.00 -7.75
N ASN B 216 30.32 -1.98 -6.89
CA ASN B 216 29.21 -1.46 -6.09
C ASN B 216 28.16 -0.75 -6.93
N ILE B 217 28.61 0.03 -7.91
CA ILE B 217 27.71 0.71 -8.83
C ILE B 217 26.88 -0.31 -9.59
N ALA B 218 27.54 -1.37 -10.03
CA ALA B 218 26.90 -2.46 -10.73
C ALA B 218 25.86 -3.14 -9.86
N HIS B 219 26.24 -3.40 -8.60
CA HIS B 219 25.38 -4.05 -7.63
C HIS B 219 24.12 -3.22 -7.40
N LEU B 220 24.30 -1.90 -7.30
CA LEU B 220 23.17 -0.99 -7.09
C LEU B 220 22.15 -1.04 -8.24
N GLN B 221 22.64 -1.22 -9.47
CA GLN B 221 21.73 -1.23 -10.63
C GLN B 221 20.94 -2.53 -10.73
N ARG B 222 21.52 -3.64 -10.26
CA ARG B 222 20.81 -4.91 -10.25
C ARG B 222 19.72 -4.82 -9.20
N ALA B 223 20.00 -4.05 -8.15
CA ALA B 223 19.05 -3.90 -7.06
C ALA B 223 18.07 -2.79 -7.42
N GLY B 224 18.36 -2.09 -8.51
CA GLY B 224 17.52 -1.00 -8.98
C GLY B 224 17.57 0.24 -8.14
N LEU B 225 18.70 0.48 -7.47
CA LEU B 225 18.84 1.68 -6.65
C LEU B 225 19.64 2.78 -7.34
N ASN B 226 18.97 3.89 -7.65
CA ASN B 226 19.58 4.99 -8.39
C ASN B 226 20.25 5.99 -7.43
N VAL B 227 21.47 5.67 -7.01
CA VAL B 227 22.22 6.54 -6.11
C VAL B 227 23.64 6.78 -6.65
N PRO B 228 24.06 8.05 -6.69
CA PRO B 228 25.44 8.30 -7.15
C PRO B 228 26.48 7.90 -6.11
N VAL B 229 27.66 7.52 -6.61
CA VAL B 229 28.81 7.16 -5.78
C VAL B 229 29.96 8.16 -5.88
N ILE B 230 30.40 8.68 -4.74
CA ILE B 230 31.48 9.66 -4.74
C ILE B 230 32.69 9.14 -3.98
N PRO B 231 33.78 8.84 -4.70
CA PRO B 231 35.04 8.43 -4.08
C PRO B 231 35.65 9.59 -3.29
N ALA B 232 36.39 9.28 -2.22
CA ALA B 232 36.98 10.34 -1.41
C ALA B 232 38.09 9.85 -0.49
N SER B 233 38.99 10.77 -0.16
CA SER B 233 40.03 10.56 0.83
C SER B 233 40.09 11.73 1.81
N SER B 234 39.63 11.49 3.03
CA SER B 234 39.61 12.50 4.08
C SER B 234 41.03 12.95 4.38
N VAL B 235 41.95 12.01 4.26
CA VAL B 235 43.37 12.25 4.48
C VAL B 235 43.94 13.30 3.53
N LEU B 236 43.69 13.14 2.24
CA LEU B 236 44.11 14.14 1.25
C LEU B 236 43.48 15.53 1.44
N ARG B 237 42.18 15.58 1.70
CA ARG B 237 41.44 16.84 1.94
C ARG B 237 42.21 17.50 3.08
N SER B 238 42.67 16.66 4.01
CA SER B 238 43.38 17.09 5.19
C SER B 238 44.77 17.66 4.80
N HIS B 239 45.48 17.13 3.79
CA HIS B 239 46.74 17.83 3.44
C HIS B 239 46.39 19.14 2.76
N ALA B 240 45.29 19.16 2.01
CA ALA B 240 44.95 20.39 1.32
C ALA B 240 44.71 21.50 2.35
N ILE B 241 44.60 21.09 3.61
CA ILE B 241 44.31 22.00 4.67
C ILE B 241 45.57 22.38 5.42
N SER B 242 46.29 21.37 5.85
CA SER B 242 47.56 21.57 6.50
C SER B 242 48.56 22.12 5.53
N LEU B 243 48.52 21.60 4.33
CA LEU B 243 49.52 21.92 3.33
C LEU B 243 49.15 22.93 2.27
N ASN B 244 47.93 23.41 2.23
CA ASN B 244 47.57 24.44 1.25
C ASN B 244 47.83 24.12 -0.24
N ASP B 245 47.28 23.04 -0.77
CA ASP B 245 47.38 22.73 -2.20
C ASP B 245 46.02 22.72 -2.92
N LYS B 246 45.83 23.58 -3.91
CA LYS B 246 44.57 23.72 -4.61
C LYS B 246 44.45 22.44 -5.35
N GLU B 247 45.59 22.00 -5.83
CA GLU B 247 45.71 20.84 -6.69
C GLU B 247 45.40 19.48 -6.05
N LEU B 248 45.82 19.27 -4.81
CA LEU B 248 45.53 18.01 -4.12
C LEU B 248 44.07 17.79 -3.68
N ASN B 249 43.39 18.89 -3.38
CA ASN B 249 41.99 18.91 -2.96
C ASN B 249 41.14 18.35 -4.11
N GLU B 250 41.54 18.62 -5.34
CA GLU B 250 40.80 18.04 -6.46
C GLU B 250 40.95 16.53 -6.44
N GLU B 251 42.16 16.09 -6.07
CA GLU B 251 42.51 14.68 -6.01
C GLU B 251 41.77 13.96 -4.89
N SER B 252 41.48 14.66 -3.80
CA SER B 252 40.72 14.09 -2.69
C SER B 252 39.26 13.90 -3.07
N ASN B 253 38.86 14.58 -4.14
CA ASN B 253 37.50 14.52 -4.70
C ASN B 253 36.43 15.09 -3.76
N PHE B 254 36.85 15.83 -2.73
CA PHE B 254 35.91 16.52 -1.85
C PHE B 254 35.06 17.64 -2.51
N PRO B 255 35.61 18.34 -3.52
CA PRO B 255 34.77 19.26 -4.30
C PRO B 255 33.54 18.60 -4.92
N ALA B 256 33.66 17.32 -5.24
CA ALA B 256 32.55 16.55 -5.78
C ALA B 256 31.46 16.39 -4.73
N ILE B 257 31.86 16.31 -3.46
CA ILE B 257 30.91 16.26 -2.36
C ILE B 257 30.16 17.59 -2.21
N VAL B 258 30.90 18.70 -2.28
CA VAL B 258 30.30 20.03 -2.21
C VAL B 258 29.31 20.29 -3.33
N LYS B 259 29.68 19.89 -4.55
CA LYS B 259 28.79 20.07 -5.73
C LYS B 259 27.48 19.31 -5.53
N PHE B 260 27.56 18.08 -5.02
CA PHE B 260 26.36 17.30 -4.77
C PHE B 260 25.50 18.02 -3.73
N LEU B 261 26.15 18.50 -2.68
CA LEU B 261 25.46 19.21 -1.60
C LEU B 261 24.80 20.48 -2.15
N SER B 262 25.45 21.13 -3.11
CA SER B 262 24.91 22.35 -3.67
C SER B 262 23.70 22.12 -4.59
N GLU B 263 23.80 21.22 -5.55
CA GLU B 263 22.76 21.09 -6.57
C GLU B 263 21.55 20.24 -6.14
N HIS B 264 21.76 19.31 -5.22
CA HIS B 264 20.71 18.36 -4.87
C HIS B 264 20.20 18.56 -3.45
N VAL B 265 20.92 19.35 -2.67
CA VAL B 265 20.52 19.59 -1.29
C VAL B 265 20.27 21.07 -1.07
N LEU B 266 21.32 21.88 -1.16
CA LEU B 266 21.20 23.30 -0.85
C LEU B 266 20.25 24.04 -1.79
N SER B 267 20.44 23.88 -3.10
CA SER B 267 19.61 24.59 -4.06
C SER B 267 18.13 24.18 -4.00
N ARG B 268 17.85 22.88 -3.90
CA ARG B 268 16.46 22.40 -3.88
C ARG B 268 15.66 22.87 -2.66
N GLN B 269 16.22 22.74 -1.45
CA GLN B 269 15.47 23.13 -0.25
C GLN B 269 15.37 24.63 -0.12
N ASN B 270 16.42 25.36 -0.52
CA ASN B 270 16.31 26.81 -0.49
C ASN B 270 15.16 27.24 -1.38
N ASP B 271 15.01 26.51 -2.48
CA ASP B 271 13.90 26.72 -3.40
C ASP B 271 12.58 26.35 -2.72
N ARG B 272 12.56 25.23 -2.00
CA ARG B 272 11.31 24.81 -1.35
C ARG B 272 10.93 25.71 -0.19
N ILE B 273 11.92 26.14 0.59
CA ILE B 273 11.64 27.05 1.69
C ILE B 273 11.14 28.43 1.25
N ARG B 274 11.75 28.97 0.21
CA ARG B 274 11.36 30.26 -0.36
C ARG B 274 9.89 30.17 -0.77
N ASP B 275 9.52 29.05 -1.40
CA ASP B 275 8.15 28.85 -1.88
C ASP B 275 7.16 28.84 -0.71
N GLN B 276 7.53 28.20 0.40
CA GLN B 276 6.60 28.06 1.53
C GLN B 276 6.43 29.42 2.18
N ILE B 277 7.51 30.19 2.25
CA ILE B 277 7.43 31.53 2.86
C ILE B 277 6.64 32.49 2.00
N VAL B 278 6.81 32.36 0.71
CA VAL B 278 6.08 33.13 -0.26
C VAL B 278 4.63 32.72 -0.17
N ASP B 279 4.36 31.45 0.07
CA ASP B 279 2.99 31.02 0.26
C ASP B 279 2.46 31.64 1.52
N GLU B 280 3.25 31.69 2.57
CA GLU B 280 2.85 32.29 3.81
C GLU B 280 2.59 33.77 3.66
N ILE B 281 3.38 34.45 2.86
CA ILE B 281 3.12 35.84 2.66
C ILE B 281 1.78 36.02 2.00
N ARG B 282 1.45 35.22 1.00
CA ARG B 282 0.18 35.33 0.36
C ARG B 282 -0.90 35.02 1.34
N SER B 283 -0.75 33.98 2.11
CA SER B 283 -1.77 33.63 3.05
C SER B 283 -2.02 34.68 4.07
N ALA B 284 -1.00 35.34 4.57
CA ALA B 284 -1.22 36.41 5.53
C ALA B 284 -1.89 37.62 4.92
N ALA B 285 -1.52 37.95 3.71
CA ALA B 285 -2.10 39.08 3.01
C ALA B 285 -3.55 38.87 2.70
N GLU B 286 -3.91 37.67 2.32
CA GLU B 286 -5.27 37.34 2.01
C GLU B 286 -6.16 37.44 3.21
N HIS B 287 -5.66 37.03 4.34
CA HIS B 287 -6.42 37.06 5.59
C HIS B 287 -6.78 38.50 5.97
N LEU B 288 -5.82 39.40 5.80
CA LEU B 288 -6.02 40.82 6.09
C LEU B 288 -6.96 41.42 5.04
N LEU B 289 -6.88 40.91 3.84
CA LEU B 289 -7.68 41.35 2.71
C LEU B 289 -9.14 41.15 2.85
N LEU B 290 -9.55 40.08 3.46
CA LEU B 290 -10.95 39.76 3.57
C LEU B 290 -11.68 40.82 4.29
N ALA B 291 -11.17 41.28 5.37
CA ALA B 291 -11.86 42.31 6.09
C ALA B 291 -11.96 43.59 5.31
N VAL B 292 -10.90 43.97 4.63
CA VAL B 292 -10.91 45.19 3.88
C VAL B 292 -11.92 45.14 2.78
N GLU B 293 -11.95 44.07 2.02
CA GLU B 293 -12.90 43.92 0.93
C GLU B 293 -14.33 43.80 1.39
N SER B 294 -14.54 43.09 2.47
CA SER B 294 -15.85 42.96 3.03
C SER B 294 -16.34 44.27 3.54
N GLU B 295 -15.47 45.08 4.14
CA GLU B 295 -15.88 46.39 4.59
C GLU B 295 -16.22 47.22 3.40
N LEU B 296 -15.39 47.14 2.37
CA LEU B 296 -15.55 47.87 1.14
C LEU B 296 -16.81 47.53 0.43
N SER B 297 -17.12 46.26 0.35
CA SER B 297 -18.33 45.80 -0.31
C SER B 297 -19.59 46.20 0.38
N SER B 298 -19.52 46.28 1.68
CA SER B 298 -20.66 46.69 2.46
C SER B 298 -21.03 48.09 2.11
N PHE B 299 -20.02 48.92 1.87
CA PHE B 299 -20.24 50.31 1.51
C PHE B 299 -20.90 50.40 0.13
N ASN B 300 -20.19 49.92 -0.89
CA ASN B 300 -20.61 50.07 -2.29
C ASN B 300 -21.87 49.31 -2.68
N ASP B 301 -22.20 48.24 -1.97
CA ASP B 301 -23.35 47.41 -2.34
C ASP B 301 -24.17 47.06 -1.10
N PRO B 302 -24.86 48.06 -0.56
CA PRO B 302 -25.58 47.91 0.70
C PRO B 302 -26.66 46.83 0.69
N GLY B 303 -27.35 46.66 -0.44
CA GLY B 303 -28.44 45.69 -0.51
C GLY B 303 -28.09 44.21 -0.47
N GLU B 304 -26.80 43.89 -0.45
CA GLU B 304 -26.40 42.51 -0.45
C GLU B 304 -25.74 42.13 0.89
N ARG B 305 -25.77 43.07 1.84
CA ARG B 305 -25.14 42.91 3.16
C ARG B 305 -25.70 41.71 3.90
N GLU B 306 -27.00 41.49 3.75
CA GLU B 306 -27.69 40.38 4.38
C GLU B 306 -27.00 39.13 3.92
N ARG B 307 -26.75 39.08 2.63
CA ARG B 307 -26.15 37.94 2.00
C ARG B 307 -24.69 37.84 2.40
N LEU B 308 -24.06 39.02 2.49
CA LEU B 308 -22.66 39.13 2.89
C LEU B 308 -22.40 38.66 4.30
N THR B 309 -23.19 39.19 5.24
CA THR B 309 -23.05 38.89 6.65
C THR B 309 -23.48 37.46 6.99
N ALA B 310 -24.53 36.99 6.33
CA ALA B 310 -25.01 35.62 6.51
C ALA B 310 -23.92 34.64 6.10
N GLU B 311 -23.22 34.98 5.02
CA GLU B 311 -22.11 34.17 4.54
C GLU B 311 -20.96 34.20 5.53
N LEU B 312 -20.51 35.39 5.92
CA LEU B 312 -19.42 35.52 6.88
C LEU B 312 -19.69 34.83 8.21
N GLU B 313 -20.90 34.95 8.71
CA GLU B 313 -21.29 34.28 9.96
C GLU B 313 -21.26 32.78 9.71
N ARG B 314 -21.68 32.32 8.53
CA ARG B 314 -21.62 30.90 8.24
C ARG B 314 -20.23 30.33 8.28
N ARG B 315 -19.32 31.01 7.58
CA ARG B 315 -17.94 30.58 7.51
C ARG B 315 -17.27 30.71 8.86
N LYS B 316 -17.65 31.75 9.60
CA LYS B 316 -17.14 31.93 10.95
C LYS B 316 -17.60 30.77 11.80
N GLN B 317 -18.87 30.41 11.68
CA GLN B 317 -19.36 29.30 12.47
C GLN B 317 -18.65 28.01 12.14
N GLU B 318 -18.38 27.77 10.86
CA GLU B 318 -17.70 26.54 10.46
C GLU B 318 -16.26 26.49 10.96
N ALA B 319 -15.58 27.63 10.97
CA ALA B 319 -14.20 27.66 11.43
C ALA B 319 -14.14 27.43 12.95
N GLN B 320 -15.14 27.90 13.69
CA GLN B 320 -15.17 27.71 15.13
C GLN B 320 -15.59 26.28 15.50
N ASP B 321 -16.50 25.69 14.72
CA ASP B 321 -16.92 24.30 14.97
C ASP B 321 -15.69 23.44 14.68
N ALA B 322 -14.75 23.99 13.91
CA ALA B 322 -13.52 23.31 13.53
C ALA B 322 -12.53 23.20 14.69
N LEU B 323 -12.78 23.93 15.74
CA LEU B 323 -11.90 23.90 16.88
C LEU B 323 -12.41 23.00 17.96
N GLN B 324 -13.54 22.37 17.71
CA GLN B 324 -14.14 21.48 18.66
C GLN B 324 -13.51 20.13 18.50
N GLN B 325 -13.78 19.29 19.47
CA GLN B 325 -13.24 17.95 19.56
C GLN B 325 -13.84 17.06 18.53
N THR B 326 -15.08 17.33 18.24
CA THR B 326 -15.87 16.58 17.31
C THR B 326 -15.74 17.03 15.88
N ALA B 327 -14.72 17.82 15.59
CA ALA B 327 -14.48 18.29 14.26
C ALA B 327 -14.04 17.13 13.44
N LEU B 328 -14.37 17.14 12.20
CA LEU B 328 -14.09 15.97 11.38
C LEU B 328 -12.61 15.74 11.14
N TRP B 329 -11.87 16.81 10.90
CA TRP B 329 -10.44 16.67 10.66
C TRP B 329 -9.75 16.09 11.90
N GLN B 330 -10.21 16.51 13.07
CA GLN B 330 -9.63 16.03 14.32
C GLN B 330 -10.02 14.59 14.66
N GLN B 331 -11.23 14.18 14.35
CA GLN B 331 -11.63 12.77 14.54
C GLN B 331 -10.82 11.86 13.63
N VAL B 332 -10.70 12.26 12.37
CA VAL B 332 -9.93 11.50 11.40
C VAL B 332 -8.49 11.36 11.88
N LEU B 333 -7.94 12.44 12.41
CA LEU B 333 -6.59 12.45 12.96
C LEU B 333 -6.54 11.50 14.15
N SER B 334 -7.46 11.69 15.09
CA SER B 334 -7.50 10.91 16.32
C SER B 334 -7.72 9.43 16.08
N ASP B 335 -8.69 9.07 15.24
CA ASP B 335 -8.95 7.68 14.95
C ASP B 335 -7.79 7.07 14.15
N GLY B 336 -7.19 7.88 13.29
CA GLY B 336 -6.06 7.43 12.48
C GLY B 336 -4.81 7.13 13.27
N ILE B 337 -4.50 7.97 14.25
CA ILE B 337 -3.33 7.74 15.10
C ILE B 337 -3.53 6.51 15.96
N ALA B 338 -4.73 6.35 16.51
CA ALA B 338 -5.03 5.19 17.33
C ALA B 338 -4.93 3.91 16.50
N ASP B 339 -5.48 3.95 15.30
CA ASP B 339 -5.43 2.82 14.38
C ASP B 339 -3.99 2.51 13.94
N LEU B 340 -3.26 3.56 13.57
CA LEU B 340 -1.90 3.39 13.07
C LEU B 340 -0.98 2.84 14.17
N THR B 341 -1.21 3.29 15.40
CA THR B 341 -0.42 2.80 16.54
C THR B 341 -0.59 1.30 16.70
N ALA B 342 -1.83 0.84 16.61
CA ALA B 342 -2.14 -0.59 16.71
C ALA B 342 -1.64 -1.39 15.50
N ASP B 343 -1.80 -0.83 14.31
CA ASP B 343 -1.42 -1.55 13.09
C ASP B 343 0.09 -1.72 13.01
N VAL B 344 0.82 -0.69 13.44
CA VAL B 344 2.28 -0.75 13.46
C VAL B 344 2.76 -1.80 14.45
N ASP B 345 2.10 -1.86 15.60
CA ASP B 345 2.46 -2.85 16.59
C ASP B 345 2.12 -4.26 16.09
N HIS B 346 1.06 -4.41 15.35
CA HIS B 346 0.66 -5.70 14.85
C HIS B 346 1.48 -6.18 13.65
N ASP B 347 2.03 -5.27 12.87
CA ASP B 347 2.95 -5.56 11.78
C ASP B 347 4.27 -6.00 12.36
N LEU B 348 4.77 -5.27 13.34
CA LEU B 348 6.03 -5.61 13.95
C LEU B 348 5.97 -7.02 14.53
N ARG B 349 4.95 -7.30 15.32
CA ARG B 349 4.84 -8.60 15.99
C ARG B 349 4.59 -9.73 14.99
N HIS B 350 4.00 -9.39 13.85
CA HIS B 350 3.84 -10.38 12.79
C HIS B 350 5.19 -10.74 12.21
N ARG B 351 6.00 -9.71 11.93
CA ARG B 351 7.34 -9.89 11.41
C ARG B 351 8.21 -10.67 12.40
N PHE B 352 8.09 -10.34 13.67
CA PHE B 352 8.89 -11.00 14.71
C PHE B 352 8.55 -12.48 14.86
N ARG B 353 7.26 -12.82 14.74
CA ARG B 353 6.83 -14.20 14.86
C ARG B 353 7.42 -15.07 13.76
N ILE B 354 7.46 -14.52 12.54
CA ILE B 354 8.06 -15.23 11.43
C ILE B 354 9.55 -15.41 11.68
N ILE B 355 10.19 -14.35 12.16
CA ILE B 355 11.62 -14.43 12.45
C ILE B 355 11.91 -15.42 13.57
N ALA B 356 11.15 -15.35 14.65
CA ALA B 356 11.31 -16.27 15.76
C ALA B 356 11.09 -17.71 15.36
N ALA B 357 10.07 -17.93 14.52
CA ALA B 357 9.73 -19.25 14.01
C ALA B 357 10.85 -19.84 13.16
N HIS B 358 11.45 -18.99 12.33
CA HIS B 358 12.55 -19.41 11.48
C HIS B 358 13.77 -19.82 12.29
N THR B 359 14.13 -19.02 13.28
CA THR B 359 15.29 -19.31 14.11
C THR B 359 15.23 -20.59 14.93
N GLU B 360 14.09 -20.89 15.54
CA GLU B 360 13.99 -22.15 16.32
C GLU B 360 14.09 -23.41 15.50
N LYS B 361 13.59 -23.40 14.27
CA LYS B 361 13.77 -24.60 13.37
C LYS B 361 15.27 -24.68 13.04
N VAL B 362 15.90 -23.52 12.82
CA VAL B 362 17.36 -23.52 12.56
C VAL B 362 18.00 -24.16 13.78
N ILE B 363 17.55 -23.75 14.96
CA ILE B 363 18.04 -24.30 16.22
C ILE B 363 17.80 -25.81 16.31
N ASP B 364 16.61 -26.24 15.89
CA ASP B 364 16.22 -27.65 15.95
C ASP B 364 16.92 -28.55 14.94
N GLY B 365 17.53 -27.96 13.92
CA GLY B 365 18.15 -28.74 12.87
C GLY B 365 19.65 -28.86 13.03
N CYS B 366 20.16 -28.47 14.19
CA CYS B 366 21.60 -28.50 14.44
C CYS B 366 21.95 -28.52 15.93
N ASP B 367 23.26 -28.39 16.19
CA ASP B 367 23.78 -28.19 17.53
C ASP B 367 24.06 -26.75 17.91
N PRO B 368 23.17 -26.16 18.72
CA PRO B 368 23.26 -24.77 19.15
C PRO B 368 24.57 -24.37 19.87
N THR B 369 25.19 -25.28 20.62
CA THR B 369 26.44 -24.93 21.32
C THR B 369 27.62 -24.77 20.34
N LEU B 370 27.42 -25.21 19.11
CA LEU B 370 28.44 -25.10 18.05
C LEU B 370 28.13 -23.99 17.07
N HIS B 371 27.07 -23.23 17.33
CA HIS B 371 26.61 -22.21 16.40
C HIS B 371 26.02 -21.04 17.16
N TRP B 372 26.42 -20.89 18.41
CA TRP B 372 25.83 -19.89 19.29
C TRP B 372 26.06 -18.48 18.79
N ALA B 373 27.25 -18.24 18.26
CA ALA B 373 27.60 -16.92 17.76
C ALA B 373 26.83 -16.59 16.49
N GLU B 374 26.74 -17.53 15.57
CA GLU B 374 26.02 -17.26 14.32
C GLU B 374 24.54 -17.08 14.49
N ILE B 375 23.94 -17.90 15.35
CA ILE B 375 22.51 -17.81 15.60
C ILE B 375 22.13 -16.51 16.29
N GLY B 376 22.90 -16.10 17.30
CA GLY B 376 22.61 -14.85 17.95
C GLY B 376 22.74 -13.65 17.04
N ALA B 377 23.82 -13.60 16.26
CA ALA B 377 24.04 -12.46 15.37
C ALA B 377 23.01 -12.24 14.26
N GLU B 378 22.63 -13.31 13.55
CA GLU B 378 21.64 -13.17 12.48
C GLU B 378 20.30 -12.78 13.11
N LEU B 379 19.96 -13.39 14.24
CA LEU B 379 18.68 -13.10 14.89
C LEU B 379 18.67 -11.61 15.25
N GLU B 380 19.74 -11.10 15.87
CA GLU B 380 19.75 -9.67 16.17
C GLU B 380 19.65 -8.88 14.86
N ASP B 381 20.34 -9.34 13.83
CA ASP B 381 20.31 -8.66 12.54
C ASP B 381 18.93 -8.73 11.86
N ALA B 382 18.30 -9.89 11.91
CA ALA B 382 16.99 -10.07 11.30
C ALA B 382 15.93 -9.23 12.01
N VAL B 383 16.00 -9.22 13.33
CA VAL B 383 15.07 -8.46 14.15
C VAL B 383 15.24 -6.96 13.90
N ALA B 384 16.48 -6.51 13.87
CA ALA B 384 16.77 -5.10 13.65
C ALA B 384 16.34 -4.65 12.25
N THR B 385 16.50 -5.53 11.27
CA THR B 385 16.08 -5.24 9.89
C THR B 385 14.55 -5.15 9.81
N ALA B 386 13.87 -6.01 10.56
CA ALA B 386 12.42 -6.03 10.61
C ALA B 386 11.90 -4.74 11.24
N VAL B 387 12.59 -4.28 12.27
CA VAL B 387 12.27 -3.02 12.92
C VAL B 387 12.37 -1.89 11.90
N GLY B 388 13.40 -1.94 11.07
CA GLY B 388 13.58 -0.96 10.01
C GLY B 388 12.47 -0.98 8.98
N ASP B 389 12.09 -2.17 8.52
CA ASP B 389 11.01 -2.31 7.55
C ASP B 389 9.67 -1.86 8.13
N ASN B 390 9.43 -2.18 9.39
CA ASN B 390 8.22 -1.73 10.07
C ASN B 390 8.16 -0.20 10.15
N PHE B 391 9.31 0.40 10.46
CA PHE B 391 9.42 1.86 10.57
C PHE B 391 9.19 2.60 9.25
N VAL B 392 9.71 2.07 8.15
CA VAL B 392 9.50 2.66 6.84
C VAL B 392 8.01 2.59 6.55
N TRP B 393 7.43 1.42 6.81
CA TRP B 393 6.01 1.20 6.62
C TRP B 393 5.20 2.17 7.49
N ALA B 394 5.66 2.35 8.73
CA ALA B 394 4.97 3.26 9.65
C ALA B 394 5.05 4.70 9.16
N TYR B 395 6.22 5.09 8.65
CA TYR B 395 6.41 6.44 8.13
C TYR B 395 5.49 6.73 6.94
N GLN B 396 5.42 5.77 6.02
CA GLN B 396 4.58 5.89 4.82
C GLN B 396 3.10 5.98 5.14
N ARG B 397 2.68 5.17 6.11
CA ARG B 397 1.30 5.12 6.54
C ARG B 397 0.98 6.44 7.25
N ALA B 398 1.97 6.97 7.97
CA ALA B 398 1.82 8.25 8.66
C ALA B 398 1.69 9.42 7.69
N GLU B 399 2.46 9.38 6.59
CA GLU B 399 2.38 10.40 5.55
C GLU B 399 1.02 10.41 4.88
N ALA B 400 0.49 9.21 4.65
CA ALA B 400 -0.82 9.08 4.02
C ALA B 400 -1.91 9.63 4.92
N LEU B 401 -1.81 9.39 6.22
CA LEU B 401 -2.80 9.91 7.16
C LEU B 401 -2.74 11.43 7.21
N ALA B 402 -1.53 11.97 7.30
CA ALA B 402 -1.32 13.42 7.33
C ALA B 402 -1.86 14.04 6.05
N ALA B 403 -1.72 13.31 4.95
CA ALA B 403 -2.24 13.81 3.70
C ALA B 403 -3.76 13.83 3.73
N GLU B 404 -4.37 12.80 4.31
CA GLU B 404 -5.83 12.74 4.37
C GLU B 404 -6.42 13.79 5.30
N VAL B 405 -5.77 14.02 6.44
CA VAL B 405 -6.24 15.04 7.38
C VAL B 405 -6.19 16.43 6.77
N ALA B 406 -5.15 16.68 6.00
CA ALA B 406 -4.99 17.95 5.31
C ALA B 406 -6.12 18.18 4.31
N ARG B 407 -6.43 17.11 3.60
CA ARG B 407 -7.45 17.11 2.58
C ARG B 407 -8.82 17.36 3.24
N THR B 408 -9.04 16.65 4.35
CA THR B 408 -10.27 16.75 5.12
C THR B 408 -10.48 18.18 5.63
N PHE B 409 -9.38 18.79 6.08
CA PHE B 409 -9.38 20.15 6.59
C PHE B 409 -9.70 21.19 5.53
N THR B 410 -9.07 21.05 4.37
CA THR B 410 -9.20 22.03 3.30
C THR B 410 -10.57 21.97 2.63
N GLU B 411 -11.06 20.76 2.38
CA GLU B 411 -12.36 20.58 1.75
C GLU B 411 -13.49 21.11 2.63
N ALA B 412 -13.23 21.30 3.91
CA ALA B 412 -14.23 21.91 4.80
C ALA B 412 -14.14 23.42 4.69
N GLY B 413 -13.15 23.89 3.93
CA GLY B 413 -12.95 25.31 3.66
C GLY B 413 -12.47 26.11 4.86
N LEU B 414 -11.83 25.42 5.80
CA LEU B 414 -11.44 26.03 7.06
C LEU B 414 -10.20 26.91 6.95
N ASP B 415 -9.63 27.00 5.76
CA ASP B 415 -8.48 27.86 5.54
C ASP B 415 -8.78 28.84 4.41
N ALA B 416 -10.03 28.81 3.94
CA ALA B 416 -10.42 29.64 2.81
C ALA B 416 -10.75 31.02 3.33
N VAL B 417 -10.12 32.04 2.74
CA VAL B 417 -10.35 33.42 3.14
C VAL B 417 -10.66 34.34 1.96
N GLN B 418 -11.25 33.76 0.91
CA GLN B 418 -11.67 34.55 -0.25
C GLN B 418 -12.99 35.26 0.01
N MET B 419 -13.22 36.38 -0.69
CA MET B 419 -14.46 37.14 -0.52
C MET B 419 -15.66 36.34 -0.95
N PRO B 420 -16.77 36.38 -0.20
CA PRO B 420 -17.96 35.66 -0.59
C PRO B 420 -18.28 35.91 -2.03
N GLN B 421 -18.07 34.90 -2.85
CA GLN B 421 -18.26 35.07 -4.28
C GLN B 421 -19.64 35.53 -4.65
N ILE B 422 -19.63 36.46 -5.59
CA ILE B 422 -20.80 37.07 -6.21
C ILE B 422 -20.33 37.78 -7.47
N ASP B 423 -21.28 38.08 -8.36
CA ASP B 423 -20.98 38.79 -9.60
C ASP B 423 -22.24 39.43 -10.16
N TYR B 459 6.35 22.99 11.19
CA TYR B 459 6.64 22.87 12.62
C TYR B 459 7.90 23.60 13.06
N GLY B 460 7.71 24.63 13.87
CA GLY B 460 8.78 25.48 14.36
C GLY B 460 9.31 25.02 15.70
N GLY B 461 8.72 23.94 16.22
CA GLY B 461 9.15 23.38 17.50
C GLY B 461 10.31 22.43 17.39
N VAL B 462 10.73 21.90 18.53
CA VAL B 462 11.85 20.96 18.56
C VAL B 462 11.41 19.64 17.95
N LEU B 463 12.14 19.18 16.93
CA LEU B 463 11.82 17.94 16.25
C LEU B 463 12.17 16.73 17.11
N MET B 464 11.54 15.60 16.81
CA MET B 464 11.65 14.42 17.66
C MET B 464 12.53 13.32 17.06
N PHE B 465 13.23 13.63 15.96
CA PHE B 465 14.00 12.61 15.26
C PHE B 465 15.21 12.15 16.07
N GLY B 466 15.45 10.84 16.03
CA GLY B 466 16.56 10.24 16.74
C GLY B 466 16.84 8.84 16.23
N MET B 467 17.81 8.18 16.84
CA MET B 467 18.15 6.80 16.47
C MET B 467 17.01 5.88 16.89
N LEU B 468 16.70 4.92 16.04
CA LEU B 468 15.68 3.95 16.34
C LEU B 468 16.24 3.06 17.36
N THR B 469 15.45 2.60 18.30
CA THR B 469 15.99 1.75 19.30
C THR B 469 15.36 0.40 19.31
N SER B 470 16.16 -0.64 19.13
CA SER B 470 15.68 -2.01 19.14
C SER B 470 16.15 -2.74 20.37
N PHE B 471 17.39 -3.20 20.34
CA PHE B 471 17.92 -3.92 21.46
C PHE B 471 19.05 -3.15 22.08
N ALA B 472 19.49 -3.64 23.22
CA ALA B 472 20.52 -2.98 23.99
C ALA B 472 21.78 -2.85 23.18
N GLY B 473 22.14 -3.90 22.47
CA GLY B 473 23.34 -3.84 21.66
C GLY B 473 23.59 -5.13 20.92
N LEU B 474 24.33 -5.04 19.81
CA LEU B 474 24.66 -6.21 19.00
C LEU B 474 25.57 -7.16 19.76
N GLY B 475 25.30 -8.46 19.63
CA GLY B 475 26.14 -9.48 20.24
C GLY B 475 26.00 -9.64 21.74
N MET B 476 24.94 -9.06 22.30
CA MET B 476 24.74 -9.11 23.76
C MET B 476 23.64 -10.08 24.10
N PHE B 477 23.04 -10.63 23.06
CA PHE B 477 22.03 -11.66 23.26
C PHE B 477 22.62 -13.05 23.06
N ASN B 478 22.36 -13.90 24.03
CA ASN B 478 22.81 -15.27 24.01
C ASN B 478 21.60 -16.12 24.18
N PRO B 479 21.41 -17.05 23.24
CA PRO B 479 20.21 -17.91 23.32
C PRO B 479 20.26 -18.67 24.68
N LEU B 480 21.41 -18.88 25.31
CA LEU B 480 21.38 -19.46 26.68
C LEU B 480 22.25 -18.61 27.63
N SER B 481 22.83 -19.10 28.74
CA SER B 481 23.60 -18.14 29.56
C SER B 481 25.13 -18.06 29.37
N LEU B 482 25.64 -16.93 29.83
CA LEU B 482 27.03 -16.53 29.71
C LEU B 482 27.61 -16.41 31.10
N MET B 497 23.83 -36.25 26.94
CA MET B 497 23.33 -37.02 25.82
C MET B 497 22.32 -36.20 25.03
N GLU B 498 21.24 -36.84 24.62
CA GLU B 498 20.19 -36.19 23.88
C GLU B 498 19.36 -35.29 24.77
N ASN B 499 19.33 -35.58 26.07
CA ASN B 499 18.60 -34.74 26.99
C ASN B 499 19.39 -33.51 27.36
N ARG B 500 20.65 -33.47 26.97
CA ARG B 500 21.44 -32.27 27.21
C ARG B 500 21.33 -31.39 26.00
N MET B 501 21.16 -31.99 24.84
CA MET B 501 21.05 -31.20 23.65
C MET B 501 19.60 -30.88 23.37
N LEU B 502 18.68 -31.45 24.12
CA LEU B 502 17.28 -31.11 23.91
C LEU B 502 16.95 -30.08 24.94
N ARG B 503 17.81 -30.00 25.94
CA ARG B 503 17.64 -29.07 27.04
C ARG B 503 17.95 -27.69 26.60
N VAL B 504 18.95 -27.54 25.74
CA VAL B 504 19.31 -26.25 25.17
C VAL B 504 18.30 -25.66 24.21
N ARG B 505 17.71 -26.51 23.39
CA ARG B 505 16.73 -26.08 22.40
C ARG B 505 15.46 -25.59 23.07
N ASN B 506 15.02 -26.30 24.09
CA ASN B 506 13.86 -25.88 24.84
C ASN B 506 14.23 -24.58 25.49
N GLU B 507 15.48 -24.54 25.93
CA GLU B 507 16.08 -23.36 26.53
C GLU B 507 16.28 -22.19 25.56
N ALA B 508 16.84 -22.50 24.39
CA ALA B 508 17.09 -21.48 23.37
C ALA B 508 15.89 -20.79 22.72
N LYS B 509 14.89 -21.57 22.30
CA LYS B 509 13.71 -20.94 21.72
C LYS B 509 13.06 -20.06 22.74
N ALA B 510 12.97 -20.60 23.96
CA ALA B 510 12.38 -19.87 25.03
C ALA B 510 13.17 -18.60 25.19
N ASN B 511 14.50 -18.68 25.20
CA ASN B 511 15.31 -17.47 25.36
C ASN B 511 15.19 -16.58 24.14
N VAL B 512 15.07 -17.19 22.96
CA VAL B 512 14.88 -16.45 21.73
C VAL B 512 13.57 -15.69 21.71
N ARG B 513 12.47 -16.37 22.08
CA ARG B 513 11.14 -15.76 22.07
C ARG B 513 10.98 -14.60 23.03
N LYS B 514 11.67 -14.67 24.17
CA LYS B 514 11.65 -13.59 25.17
C LYS B 514 12.44 -12.40 24.62
N PHE B 515 13.57 -12.68 23.96
CA PHE B 515 14.31 -11.59 23.35
C PHE B 515 13.36 -10.89 22.39
N VAL B 516 12.66 -11.67 21.57
CA VAL B 516 11.75 -11.07 20.61
C VAL B 516 10.57 -10.26 21.18
N ASP B 517 9.88 -10.73 22.22
CA ASP B 517 8.78 -9.90 22.76
C ASP B 517 9.31 -8.64 23.46
N ASP B 518 10.43 -8.76 24.18
CA ASP B 518 10.98 -7.59 24.86
C ASP B 518 11.38 -6.53 23.85
N VAL B 519 11.99 -6.94 22.74
CA VAL B 519 12.35 -5.96 21.73
C VAL B 519 11.05 -5.38 21.17
N ALA B 520 10.08 -6.25 20.92
CA ALA B 520 8.77 -5.84 20.42
C ALA B 520 8.09 -4.87 21.38
N PHE B 521 8.27 -5.12 22.68
CA PHE B 521 7.73 -4.26 23.73
C PHE B 521 8.36 -2.86 23.71
N VAL B 522 9.68 -2.83 23.64
CA VAL B 522 10.44 -1.57 23.66
C VAL B 522 10.14 -0.74 22.42
N VAL B 523 10.14 -1.38 21.26
CA VAL B 523 9.90 -0.65 20.02
C VAL B 523 8.48 -0.09 19.93
N GLY B 524 7.50 -0.89 20.35
CA GLY B 524 6.11 -0.45 20.33
C GLY B 524 5.78 0.79 21.16
N LYS B 525 6.40 0.92 22.33
CA LYS B 525 6.20 2.10 23.18
C LYS B 525 6.71 3.35 22.46
N GLU B 526 7.92 3.22 21.91
CA GLU B 526 8.60 4.26 21.16
C GLU B 526 7.79 4.60 19.88
N SER B 527 7.20 3.60 19.24
CA SER B 527 6.35 3.87 18.06
C SER B 527 5.16 4.73 18.47
N ARG B 528 4.52 4.33 19.57
CA ARG B 528 3.34 5.04 20.08
C ARG B 528 3.65 6.50 20.41
N ASP B 529 4.73 6.76 21.13
CA ASP B 529 5.06 8.13 21.50
C ASP B 529 5.41 8.92 20.23
N ARG B 530 6.01 8.26 19.26
CA ARG B 530 6.33 8.91 18.00
CA ARG B 530 6.33 8.91 18.00
C ARG B 530 5.06 9.34 17.29
N LEU B 531 4.07 8.45 17.26
CA LEU B 531 2.80 8.75 16.62
C LEU B 531 1.98 9.79 17.38
N LYS B 532 2.08 9.76 18.70
CA LYS B 532 1.45 10.78 19.54
C LYS B 532 2.06 12.15 19.26
N GLY B 533 3.37 12.17 19.04
CA GLY B 533 4.07 13.39 18.71
C GLY B 533 3.61 13.97 17.39
N ILE B 534 3.46 13.11 16.38
CA ILE B 534 2.99 13.54 15.07
C ILE B 534 1.57 14.08 15.21
N GLN B 535 0.76 13.38 15.99
CA GLN B 535 -0.60 13.79 16.28
C GLN B 535 -0.64 15.17 16.92
N ARG B 536 0.26 15.40 17.86
CA ARG B 536 0.36 16.67 18.57
C ARG B 536 0.76 17.80 17.61
N GLN B 537 1.73 17.51 16.77
CA GLN B 537 2.26 18.48 15.82
C GLN B 537 1.19 18.89 14.81
N LEU B 538 0.43 17.91 14.34
CA LEU B 538 -0.63 18.14 13.37
C LEU B 538 -1.81 18.88 14.00
N ARG B 539 -2.17 18.49 15.22
CA ARG B 539 -3.28 19.13 15.92
C ARG B 539 -3.01 20.60 16.17
N ASP B 540 -1.82 20.91 16.69
CA ASP B 540 -1.45 22.30 16.91
C ASP B 540 -1.54 23.12 15.63
N HIS B 541 -1.06 22.57 14.52
CA HIS B 541 -1.04 23.28 13.25
C HIS B 541 -2.41 23.70 12.74
N TYR B 542 -3.36 22.78 12.74
CA TYR B 542 -4.65 23.05 12.14
C TYR B 542 -5.51 23.86 13.09
N ARG B 543 -5.29 23.73 14.40
CA ARG B 543 -5.98 24.59 15.33
C ARG B 543 -5.52 26.06 15.20
N GLU B 544 -4.25 26.30 14.87
CA GLU B 544 -3.81 27.69 14.67
C GLU B 544 -4.49 28.30 13.45
N ILE B 545 -4.57 27.50 12.37
CA ILE B 545 -5.19 27.95 11.15
C ILE B 545 -6.69 28.18 11.37
N ALA B 546 -7.33 27.27 12.09
CA ALA B 546 -8.75 27.41 12.37
C ALA B 546 -9.03 28.68 13.20
N ASN B 547 -8.20 28.92 14.21
CA ASN B 547 -8.32 30.12 15.03
C ASN B 547 -8.06 31.37 14.23
N GLN B 548 -7.09 31.28 13.33
CA GLN B 548 -6.69 32.38 12.46
C GLN B 548 -7.80 32.74 11.47
N THR B 549 -8.41 31.72 10.88
CA THR B 549 -9.51 31.92 9.93
C THR B 549 -10.73 32.49 10.64
N THR B 550 -11.03 31.94 11.81
CA THR B 550 -12.13 32.44 12.65
C THR B 550 -11.97 33.92 12.95
N ARG B 551 -10.75 34.30 13.36
CA ARG B 551 -10.45 35.68 13.69
C ARG B 551 -10.67 36.56 12.46
N SER B 552 -10.09 36.17 11.33
CA SER B 552 -10.17 36.97 10.11
C SER B 552 -11.62 37.11 9.62
N LEU B 553 -12.42 36.06 9.82
CA LEU B 553 -13.82 36.08 9.41
C LEU B 553 -14.68 36.93 10.34
N ASN B 554 -14.35 36.92 11.63
CA ASN B 554 -15.11 37.69 12.59
C ASN B 554 -14.84 39.18 12.45
N GLU B 555 -13.59 39.51 12.13
CA GLU B 555 -13.23 40.89 11.87
C GLU B 555 -13.94 41.34 10.62
N SER B 556 -13.99 40.47 9.63
CA SER B 556 -14.71 40.77 8.41
C SER B 556 -16.19 40.98 8.77
N LEU B 557 -16.73 40.18 9.69
CA LEU B 557 -18.12 40.35 10.08
C LEU B 557 -18.44 41.73 10.72
N GLN B 558 -17.76 42.14 11.79
CA GLN B 558 -17.98 43.50 12.36
C GLN B 558 -17.69 44.63 11.38
N ALA B 559 -16.65 44.46 10.58
CA ALA B 559 -16.29 45.49 9.63
C ALA B 559 -17.45 45.70 8.67
N ALA B 560 -18.09 44.62 8.22
CA ALA B 560 -19.23 44.78 7.33
C ALA B 560 -20.41 45.44 8.07
N ILE B 561 -20.56 45.14 9.35
CA ILE B 561 -21.64 45.72 10.15
C ILE B 561 -21.39 47.18 10.51
N ALA B 562 -20.17 47.47 10.95
CA ALA B 562 -19.85 48.82 11.40
C ALA B 562 -19.91 49.84 10.26
N ALA B 563 -19.80 49.36 9.02
CA ALA B 563 -19.85 50.28 7.88
C ALA B 563 -21.27 50.74 7.58
N ALA B 564 -22.24 49.91 7.94
CA ALA B 564 -23.64 50.23 7.71
C ALA B 564 -24.18 51.21 8.72
N LYS B 565 -23.44 51.44 9.80
CA LYS B 565 -23.98 52.31 10.81
C LYS B 565 -23.57 53.75 10.46
N VAL B 566 -22.67 53.91 9.51
CA VAL B 566 -22.22 55.25 9.11
C VAL B 566 -23.00 55.89 7.98
N GLU B 567 -23.20 57.20 8.07
CA GLU B 567 -23.98 57.97 7.10
C GLU B 567 -23.24 58.29 5.81
N GLU B 568 -23.92 58.90 4.86
CA GLU B 568 -23.29 59.23 3.58
C GLU B 568 -22.26 60.36 3.61
N ALA B 569 -22.20 61.13 4.69
CA ALA B 569 -21.22 62.18 4.79
C ALA B 569 -19.88 61.56 4.98
N GLU B 570 -19.65 60.89 6.08
CA GLU B 570 -18.34 60.28 6.29
C GLU B 570 -18.10 59.07 5.38
N ARG B 571 -19.11 58.63 4.67
CA ARG B 571 -18.91 57.46 3.85
C ARG B 571 -17.84 57.58 2.78
N ASN B 572 -17.83 58.63 1.98
CA ASN B 572 -16.84 58.68 0.90
C ASN B 572 -15.37 58.77 1.21
N THR B 573 -14.98 59.53 2.20
CA THR B 573 -13.57 59.61 2.48
C THR B 573 -13.01 58.29 2.94
N ARG B 574 -13.75 57.60 3.78
CA ARG B 574 -13.26 56.33 4.29
C ARG B 574 -13.07 55.33 3.21
N VAL B 575 -14.03 55.26 2.32
CA VAL B 575 -13.96 54.26 1.29
C VAL B 575 -12.76 54.38 0.40
N LYS B 576 -12.33 55.57 0.06
CA LYS B 576 -11.21 55.67 -0.85
C LYS B 576 -9.93 55.35 -0.12
N GLU B 577 -9.99 55.27 1.20
CA GLU B 577 -8.83 54.95 1.99
C GLU B 577 -8.78 53.48 2.31
N LEU B 578 -9.77 52.73 1.90
CA LEU B 578 -9.76 51.32 2.14
C LEU B 578 -9.23 50.78 0.88
N GLU B 579 -9.57 51.48 -0.18
CA GLU B 579 -9.17 51.08 -1.52
C GLU B 579 -7.66 51.22 -1.66
N ARG B 580 -7.06 52.19 -0.96
CA ARG B 580 -5.60 52.28 -1.03
C ARG B 580 -4.93 51.06 -0.39
N GLN B 581 -5.37 50.64 0.80
CA GLN B 581 -4.83 49.43 1.42
C GLN B 581 -5.19 48.21 0.56
N GLN B 582 -6.40 48.20 0.02
CA GLN B 582 -6.82 47.10 -0.81
C GLN B 582 -5.81 47.01 -1.96
N ASN B 583 -5.43 48.18 -2.53
CA ASN B 583 -4.47 48.19 -3.62
C ASN B 583 -3.12 47.70 -3.16
N ILE B 584 -2.71 48.18 -1.99
CA ILE B 584 -1.42 47.81 -1.41
C ILE B 584 -1.30 46.32 -1.17
N LEU B 585 -2.39 45.73 -0.70
CA LEU B 585 -2.41 44.31 -0.39
C LEU B 585 -2.42 43.42 -1.62
N LYS B 586 -3.21 43.76 -2.59
CA LYS B 586 -3.26 42.97 -3.77
C LYS B 586 -1.87 43.03 -4.30
N GLN B 587 -1.24 44.18 -4.16
CA GLN B 587 0.09 44.36 -4.67
C GLN B 587 1.09 43.44 -3.99
N VAL B 588 0.85 43.07 -2.75
CA VAL B 588 1.72 42.16 -2.05
C VAL B 588 1.42 40.75 -2.47
N VAL B 589 0.20 40.51 -2.90
CA VAL B 589 -0.22 39.23 -3.34
C VAL B 589 0.23 39.03 -4.75
N ASP B 590 0.46 40.11 -5.48
CA ASP B 590 0.89 39.94 -6.83
C ASP B 590 2.38 39.91 -6.98
N HIS B 591 3.13 40.54 -6.08
CA HIS B 591 4.57 40.48 -6.22
C HIS B 591 5.09 39.21 -5.65
N ALA B 592 4.33 38.63 -4.72
CA ALA B 592 4.70 37.38 -4.08
C ALA B 592 4.29 36.23 -4.95
N ALA B 593 3.36 36.46 -5.85
CA ALA B 593 2.95 35.41 -6.73
C ALA B 593 3.63 35.54 -8.07
N LYS B 594 4.57 36.48 -8.18
CA LYS B 594 5.29 36.70 -9.41
C LYS B 594 6.42 35.70 -9.48
N LEU B 595 6.47 34.86 -8.48
CA LEU B 595 7.47 33.76 -8.39
C LEU B 595 7.04 32.37 -8.96
N ALA B 596 6.17 32.34 -9.96
CA ALA B 596 5.66 31.06 -10.49
C ALA B 596 6.78 30.15 -10.99
#